data_6TQE
#
_entry.id   6TQE
#
_cell.length_a   1.00
_cell.length_b   1.00
_cell.length_c   1.00
_cell.angle_alpha   90.00
_cell.angle_beta   90.00
_cell.angle_gamma   90.00
#
_symmetry.space_group_name_H-M   'P 1'
#
loop_
_entity.id
_entity.type
_entity.pdbx_description
1 polymer 'ABC transporter ATP-binding protein/permease'
2 non-polymer "ADENOSINE-5'-TRIPHOSPHATE"
3 non-polymer 'MAGNESIUM ION'
#
_entity_poly.entity_id   1
_entity_poly.type   'polypeptide(L)'
_entity_poly.pdbx_seq_one_letter_code
;MGPKLFKPSIDWSRAFPDSVYWVGKAWTISAICVLAILVLLRYLTPWGRQFWRITRAYFVGPNSVRVWLMLGVLLLSVVL
AVRLNVLFSYQGNDMYTALQKAFEGIASGDGTVKRSGVRGFWMSIGVFSVMAVLHVTRVMADIYLTQRFIIAWRVWLTHH
LTQDWLDGRAYYRDLFIDETIDNPDQRIQQDVDIFTAGAGGTPNAPSNGTASTLLFGAVQSIISVISFTAILWNLSGTLN
IFGVSIPRAMFWTVLVYVFVATVISFIIGRPLIWLSFRNEKLNAAFRYALVRLRDAAEAVGFYRGERVEGTQLQRRFTPV
IDNYRRYVRRSIAFNGWNLSVSQTIVPLPWVIQAPRLFAGQIDFGDVGQTATSFGNIHDSLSFFRNNYDAFASFRAAIIR
LHGLVDANEKGRALPAVLTRPSDDESVELNDIEVRTPAGDRLIDPLDVRLDRGGSLVITGRSGAGKTTLLRSLAELWPYA
SGTLHRPGGENETMFLSQLPYVPLGTLRDVVCYPNSAAAIPDATLRDTLTKVALAPLCDRLDEERDWAKVLSPGEQQRVA
FARILLTKPKAVFLDGSTSALDTGLEFALYQLLRSELPDCIVISVSHRPALERLHENQLELLGGGQWRLAPVEAAPAEVH
HHHHHHH
;
_entity_poly.pdbx_strand_id   A,B
#
# COMPACT_ATOMS: atom_id res chain seq x y z
N MET A 1 33.50 -48.24 -20.45
CA MET A 1 33.76 -49.03 -19.25
C MET A 1 35.22 -49.47 -19.21
N GLY A 2 36.07 -48.74 -19.92
CA GLY A 2 37.49 -49.04 -19.98
C GLY A 2 38.20 -48.86 -18.66
N PRO A 3 39.27 -49.64 -18.44
CA PRO A 3 40.00 -49.58 -17.17
C PRO A 3 41.06 -48.48 -17.15
N LYS A 4 40.94 -47.52 -18.05
CA LYS A 4 41.85 -46.38 -18.07
C LYS A 4 41.69 -45.55 -16.80
N LEU A 5 42.73 -44.77 -16.48
CA LEU A 5 42.83 -43.99 -15.22
C LEU A 5 41.66 -43.02 -15.02
N PHE A 6 41.41 -42.13 -15.98
CA PHE A 6 40.41 -41.08 -15.82
C PHE A 6 40.12 -40.48 -17.19
N LYS A 7 38.86 -40.42 -17.56
CA LYS A 7 38.49 -39.79 -18.81
C LYS A 7 37.60 -38.59 -18.53
N PRO A 8 38.09 -37.37 -18.67
CA PRO A 8 37.23 -36.20 -18.51
C PRO A 8 36.27 -36.09 -19.69
N SER A 9 35.15 -35.42 -19.46
CA SER A 9 34.15 -35.31 -20.52
C SER A 9 34.61 -34.37 -21.62
N ILE A 10 34.92 -33.12 -21.26
CA ILE A 10 35.44 -32.16 -22.23
C ILE A 10 36.90 -31.93 -21.90
N ASP A 11 37.64 -31.35 -22.84
CA ASP A 11 39.08 -31.25 -22.73
C ASP A 11 39.54 -30.29 -21.65
N TRP A 12 38.69 -29.32 -21.26
CA TRP A 12 38.89 -28.30 -20.23
C TRP A 12 39.95 -27.26 -20.58
N SER A 13 40.66 -27.48 -21.68
CA SER A 13 41.46 -26.46 -22.35
C SER A 13 40.93 -26.38 -23.76
N ARG A 14 40.95 -25.16 -24.31
CA ARG A 14 40.03 -24.74 -25.37
C ARG A 14 38.59 -25.05 -24.97
N ALA A 15 38.27 -24.73 -23.72
CA ALA A 15 36.92 -24.80 -23.18
C ALA A 15 36.30 -23.43 -23.06
N PHE A 16 37.01 -22.49 -22.45
CA PHE A 16 36.60 -21.08 -22.52
C PHE A 16 36.68 -20.50 -23.93
N PRO A 17 37.68 -20.76 -24.79
CA PRO A 17 37.58 -20.26 -26.17
C PRO A 17 36.49 -20.92 -27.00
N ASP A 18 35.93 -22.04 -26.55
CA ASP A 18 34.80 -22.64 -27.24
C ASP A 18 33.46 -22.26 -26.65
N SER A 19 33.42 -21.87 -25.37
CA SER A 19 32.17 -21.49 -24.73
C SER A 19 31.82 -20.03 -24.91
N VAL A 20 32.62 -19.29 -25.67
CA VAL A 20 32.21 -17.95 -26.08
C VAL A 20 31.46 -18.00 -27.41
N TYR A 21 31.83 -18.95 -28.29
CA TYR A 21 31.20 -19.07 -29.60
C TYR A 21 29.77 -19.56 -29.49
N TRP A 22 29.49 -20.41 -28.51
CA TRP A 22 28.14 -20.90 -28.31
C TRP A 22 27.21 -19.80 -27.79
N VAL A 23 27.73 -18.87 -27.00
CA VAL A 23 26.94 -17.74 -26.54
C VAL A 23 26.59 -16.84 -27.72
N GLY A 24 27.57 -16.57 -28.59
CA GLY A 24 27.31 -15.78 -29.79
C GLY A 24 26.39 -16.44 -30.77
N LYS A 25 26.33 -17.78 -30.78
CA LYS A 25 25.35 -18.45 -31.62
C LYS A 25 23.98 -18.50 -30.99
N ALA A 26 23.88 -18.55 -29.67
CA ALA A 26 22.59 -18.67 -29.01
C ALA A 26 21.98 -17.33 -28.60
N TRP A 27 22.67 -16.22 -28.84
CA TRP A 27 22.05 -14.93 -28.57
C TRP A 27 21.09 -14.48 -29.67
N THR A 28 21.56 -14.46 -30.91
CA THR A 28 20.80 -13.89 -32.01
C THR A 28 19.61 -14.76 -32.38
N ILE A 29 19.81 -16.09 -32.40
CA ILE A 29 18.72 -17.00 -32.72
C ILE A 29 17.68 -17.07 -31.62
N SER A 30 17.98 -16.55 -30.43
CA SER A 30 16.96 -16.37 -29.41
C SER A 30 16.22 -15.05 -29.61
N ALA A 31 16.96 -13.97 -29.86
CA ALA A 31 16.34 -12.65 -29.91
C ALA A 31 15.41 -12.49 -31.12
N ILE A 32 15.82 -12.99 -32.29
CA ILE A 32 15.04 -12.80 -33.50
C ILE A 32 13.82 -13.71 -33.57
N CYS A 33 13.61 -14.56 -32.58
CA CYS A 33 12.34 -15.26 -32.41
C CYS A 33 11.56 -14.77 -31.20
N VAL A 34 12.22 -14.23 -30.18
CA VAL A 34 11.52 -13.64 -29.04
C VAL A 34 10.74 -12.40 -29.46
N LEU A 35 11.33 -11.59 -30.34
CA LEU A 35 10.55 -10.47 -30.89
C LEU A 35 9.33 -10.94 -31.70
N ALA A 36 9.46 -12.05 -32.42
CA ALA A 36 8.33 -12.59 -33.16
C ALA A 36 7.24 -13.10 -32.22
N ILE A 37 7.61 -13.79 -31.15
CA ILE A 37 6.60 -14.34 -30.24
C ILE A 37 6.02 -13.27 -29.33
N LEU A 38 6.65 -12.10 -29.22
CA LEU A 38 5.97 -10.99 -28.56
C LEU A 38 5.01 -10.28 -29.49
N VAL A 39 5.42 -10.04 -30.75
CA VAL A 39 4.56 -9.37 -31.71
C VAL A 39 3.33 -10.21 -32.01
N LEU A 40 3.48 -11.54 -32.02
CA LEU A 40 2.31 -12.40 -32.13
C LEU A 40 1.45 -12.39 -30.86
N LEU A 41 1.99 -12.03 -29.71
CA LEU A 41 1.16 -11.89 -28.52
C LEU A 41 0.40 -10.58 -28.43
N ARG A 42 0.90 -9.51 -29.05
CA ARG A 42 0.20 -8.22 -28.95
C ARG A 42 -1.15 -8.25 -29.66
N TYR A 43 -1.25 -8.97 -30.77
CA TYR A 43 -2.44 -8.87 -31.61
C TYR A 43 -3.57 -9.77 -31.14
N LEU A 44 -3.26 -11.01 -30.77
CA LEU A 44 -4.28 -12.06 -30.66
C LEU A 44 -4.53 -12.51 -29.23
N THR A 45 -4.28 -11.65 -28.24
CA THR A 45 -4.53 -12.04 -26.86
C THR A 45 -5.19 -10.88 -26.11
N PRO A 46 -6.31 -11.10 -25.44
CA PRO A 46 -7.07 -9.99 -24.87
C PRO A 46 -6.51 -9.46 -23.57
N TRP A 47 -5.57 -10.15 -22.92
CA TRP A 47 -4.86 -9.56 -21.81
C TRP A 47 -3.62 -8.80 -22.25
N GLY A 48 -3.21 -8.95 -23.50
CA GLY A 48 -2.03 -8.29 -23.98
C GLY A 48 -2.36 -7.20 -24.97
N ARG A 49 -3.58 -7.24 -25.51
CA ARG A 49 -4.05 -6.14 -26.34
C ARG A 49 -4.23 -4.88 -25.52
N GLN A 50 -4.70 -5.04 -24.28
CA GLN A 50 -4.81 -3.89 -23.38
C GLN A 50 -3.46 -3.48 -22.81
N PHE A 51 -2.40 -4.25 -23.03
CA PHE A 51 -1.10 -3.85 -22.51
C PHE A 51 -0.47 -2.76 -23.34
N TRP A 52 -0.61 -2.83 -24.67
CA TRP A 52 0.09 -1.87 -25.50
C TRP A 52 -0.55 -0.50 -25.46
N ARG A 53 -1.85 -0.43 -25.20
CA ARG A 53 -2.50 0.87 -25.09
C ARG A 53 -2.06 1.63 -23.84
N ILE A 54 -1.64 0.92 -22.79
CA ILE A 54 -1.22 1.58 -21.57
C ILE A 54 0.12 2.28 -21.75
N THR A 55 1.10 1.57 -22.30
CA THR A 55 2.48 2.04 -22.31
C THR A 55 3.04 2.07 -23.74
N ARG A 56 2.30 2.71 -24.64
CA ARG A 56 2.65 2.69 -26.06
C ARG A 56 3.91 3.49 -26.34
N ALA A 57 3.89 4.80 -26.04
CA ALA A 57 4.86 5.72 -26.60
C ALA A 57 6.26 5.58 -26.02
N TYR A 58 6.46 4.76 -25.00
CA TYR A 58 7.79 4.57 -24.44
C TYR A 58 8.64 3.63 -25.28
N PHE A 59 8.07 2.95 -26.26
CA PHE A 59 8.81 1.96 -27.03
C PHE A 59 8.99 2.29 -28.49
N VAL A 60 8.24 3.25 -29.03
CA VAL A 60 8.41 3.71 -30.39
C VAL A 60 8.90 5.15 -30.34
N GLY A 61 9.18 5.72 -31.50
CA GLY A 61 9.63 7.09 -31.57
C GLY A 61 11.12 7.20 -31.39
N PRO A 62 11.64 8.41 -31.35
CA PRO A 62 13.09 8.61 -31.41
C PRO A 62 13.81 8.32 -30.10
N ASN A 63 13.13 8.54 -28.96
CA ASN A 63 13.80 8.40 -27.67
C ASN A 63 13.96 6.95 -27.25
N SER A 64 13.28 6.02 -27.89
CA SER A 64 13.37 4.61 -27.51
C SER A 64 14.57 3.89 -28.09
N VAL A 65 15.60 4.61 -28.56
CA VAL A 65 16.83 3.95 -29.01
C VAL A 65 17.73 3.60 -27.82
N ARG A 66 17.43 4.11 -26.64
CA ARG A 66 18.18 3.76 -25.44
C ARG A 66 17.53 2.66 -24.64
N VAL A 67 16.20 2.50 -24.72
CA VAL A 67 15.53 1.49 -23.92
C VAL A 67 15.83 0.10 -24.47
N TRP A 68 15.83 -0.06 -25.80
CA TRP A 68 16.16 -1.36 -26.38
C TRP A 68 17.60 -1.74 -26.13
N LEU A 69 18.51 -0.77 -26.08
CA LEU A 69 19.91 -1.10 -25.79
C LEU A 69 20.10 -1.47 -24.34
N MET A 70 19.29 -0.93 -23.44
CA MET A 70 19.31 -1.39 -22.06
C MET A 70 18.68 -2.78 -21.95
N LEU A 71 17.69 -3.06 -22.79
CA LEU A 71 17.02 -4.35 -22.73
C LEU A 71 17.87 -5.46 -23.32
N GLY A 72 18.71 -5.15 -24.30
CA GLY A 72 19.46 -6.19 -24.99
C GLY A 72 20.59 -6.79 -24.18
N VAL A 73 20.97 -6.15 -23.08
CA VAL A 73 22.05 -6.71 -22.25
C VAL A 73 21.50 -7.79 -21.33
N LEU A 74 20.23 -7.69 -20.95
CA LEU A 74 19.68 -8.66 -20.02
C LEU A 74 19.46 -10.03 -20.65
N LEU A 75 19.33 -10.11 -21.97
CA LEU A 75 19.32 -11.42 -22.61
C LEU A 75 20.69 -12.08 -22.54
N LEU A 76 21.75 -11.31 -22.71
CA LEU A 76 23.11 -11.81 -22.49
C LEU A 76 23.31 -12.27 -21.06
N SER A 77 22.76 -11.54 -20.09
CA SER A 77 22.86 -11.90 -18.69
C SER A 77 21.86 -12.98 -18.27
N VAL A 78 21.27 -13.69 -19.22
CA VAL A 78 20.49 -14.89 -18.96
C VAL A 78 21.07 -16.10 -19.68
N VAL A 79 21.51 -15.90 -20.93
CA VAL A 79 22.29 -16.94 -21.63
C VAL A 79 23.58 -17.24 -20.88
N LEU A 80 24.19 -16.21 -20.27
CA LEU A 80 25.39 -16.44 -19.46
C LEU A 80 25.07 -17.19 -18.17
N ALA A 81 23.81 -17.26 -17.76
CA ALA A 81 23.44 -18.07 -16.61
C ALA A 81 23.14 -19.50 -16.99
N VAL A 82 22.57 -19.75 -18.17
CA VAL A 82 22.34 -21.12 -18.61
C VAL A 82 23.63 -21.83 -18.96
N ARG A 83 24.59 -21.10 -19.54
CA ARG A 83 25.86 -21.72 -19.95
C ARG A 83 26.69 -22.15 -18.73
N LEU A 84 26.52 -21.50 -17.58
CA LEU A 84 27.18 -22.01 -16.39
C LEU A 84 26.52 -23.27 -15.85
N ASN A 85 25.19 -23.34 -15.94
CA ASN A 85 24.49 -24.51 -15.41
C ASN A 85 24.69 -25.74 -16.26
N VAL A 86 25.06 -25.59 -17.54
CA VAL A 86 25.46 -26.79 -18.28
C VAL A 86 26.78 -27.35 -17.74
N LEU A 87 27.77 -26.49 -17.54
CA LEU A 87 29.06 -26.98 -17.07
C LEU A 87 29.06 -27.39 -15.60
N PHE A 88 28.10 -26.94 -14.79
CA PHE A 88 27.98 -27.50 -13.44
C PHE A 88 27.54 -28.95 -13.45
N SER A 89 26.91 -29.44 -14.51
CA SER A 89 26.63 -30.87 -14.59
C SER A 89 27.78 -31.64 -15.22
N TYR A 90 28.41 -31.06 -16.25
CA TYR A 90 29.61 -31.65 -16.84
C TYR A 90 30.79 -31.73 -15.87
N GLN A 91 30.84 -30.87 -14.86
CA GLN A 91 31.82 -31.05 -13.80
C GLN A 91 31.43 -32.16 -12.86
N GLY A 92 30.16 -32.19 -12.44
CA GLY A 92 29.70 -33.14 -11.44
C GLY A 92 29.66 -34.57 -11.90
N ASN A 93 29.73 -34.80 -13.22
CA ASN A 93 29.91 -36.17 -13.70
C ASN A 93 31.26 -36.76 -13.30
N ASP A 94 32.31 -35.94 -13.26
CA ASP A 94 33.67 -36.47 -13.12
C ASP A 94 33.99 -36.96 -11.72
N MET A 95 33.36 -36.38 -10.69
CA MET A 95 33.55 -36.88 -9.33
C MET A 95 33.08 -38.33 -9.20
N TYR A 96 31.86 -38.60 -9.66
CA TYR A 96 31.35 -39.95 -9.59
C TYR A 96 31.96 -40.86 -10.64
N THR A 97 32.65 -40.32 -11.64
CA THR A 97 33.45 -41.21 -12.46
C THR A 97 34.75 -41.61 -11.76
N ALA A 98 35.43 -40.67 -11.12
CA ALA A 98 36.73 -40.98 -10.51
C ALA A 98 36.59 -41.78 -9.23
N LEU A 99 35.50 -41.60 -8.49
CA LEU A 99 35.35 -42.28 -7.22
C LEU A 99 34.96 -43.75 -7.35
N GLN A 100 34.77 -44.25 -8.58
CA GLN A 100 34.62 -45.68 -8.80
C GLN A 100 35.96 -46.36 -9.01
N LYS A 101 36.84 -45.74 -9.79
CA LYS A 101 38.20 -46.24 -9.94
C LYS A 101 38.95 -46.18 -8.62
N ALA A 102 38.79 -45.10 -7.87
CA ALA A 102 39.46 -44.98 -6.58
C ALA A 102 38.95 -45.98 -5.54
N PHE A 103 37.73 -46.47 -5.71
CA PHE A 103 37.23 -47.54 -4.85
C PHE A 103 37.77 -48.89 -5.27
N GLU A 104 37.52 -49.27 -6.53
CA GLU A 104 37.81 -50.63 -6.94
C GLU A 104 39.30 -50.90 -7.11
N GLY A 105 40.13 -49.86 -7.18
CA GLY A 105 41.56 -50.09 -7.12
C GLY A 105 42.05 -50.54 -5.78
N ILE A 106 41.31 -50.25 -4.71
CA ILE A 106 41.68 -50.73 -3.38
C ILE A 106 41.36 -52.22 -3.25
N ALA A 107 40.17 -52.63 -3.70
CA ALA A 107 39.77 -54.02 -3.53
C ALA A 107 40.39 -54.94 -4.57
N SER A 108 40.72 -54.43 -5.74
CA SER A 108 41.32 -55.28 -6.77
C SER A 108 42.80 -55.53 -6.53
N GLY A 109 43.44 -54.73 -5.69
CA GLY A 109 44.87 -54.86 -5.46
C GLY A 109 45.74 -54.06 -6.39
N ASP A 110 45.14 -53.21 -7.23
CA ASP A 110 45.91 -52.41 -8.18
C ASP A 110 46.62 -51.27 -7.47
N GLY A 111 47.77 -50.89 -8.00
CA GLY A 111 48.53 -49.79 -7.44
C GLY A 111 48.80 -48.69 -8.43
N THR A 112 48.33 -48.84 -9.68
CA THR A 112 48.52 -47.83 -10.70
C THR A 112 47.22 -47.24 -11.23
N VAL A 113 46.05 -47.74 -10.79
CA VAL A 113 44.82 -47.02 -11.08
C VAL A 113 44.26 -46.33 -9.84
N LYS A 114 44.64 -46.79 -8.64
CA LYS A 114 44.29 -46.04 -7.44
C LYS A 114 45.08 -44.74 -7.36
N ARG A 115 46.37 -44.80 -7.70
CA ARG A 115 47.20 -43.60 -7.74
C ARG A 115 46.78 -42.67 -8.87
N SER A 116 46.19 -43.23 -9.93
CA SER A 116 45.81 -42.45 -11.10
C SER A 116 44.31 -42.33 -11.24
N GLY A 117 43.56 -42.69 -10.20
CA GLY A 117 42.16 -42.37 -10.16
C GLY A 117 41.91 -41.22 -9.20
N VAL A 118 42.83 -41.05 -8.24
CA VAL A 118 42.68 -39.95 -7.29
C VAL A 118 43.17 -38.64 -7.88
N ARG A 119 43.96 -38.69 -8.95
CA ARG A 119 44.39 -37.47 -9.61
C ARG A 119 43.23 -36.76 -10.31
N GLY A 120 42.17 -37.49 -10.63
CA GLY A 120 40.96 -36.86 -11.12
C GLY A 120 40.21 -36.12 -10.04
N PHE A 121 40.26 -36.60 -8.80
CA PHE A 121 39.55 -35.93 -7.72
C PHE A 121 40.19 -34.60 -7.36
N TRP A 122 41.50 -34.47 -7.54
CA TRP A 122 42.15 -33.18 -7.38
C TRP A 122 42.18 -32.38 -8.67
N MET A 123 41.44 -32.82 -9.68
CA MET A 123 41.16 -32.04 -10.88
C MET A 123 39.78 -31.43 -10.85
N SER A 124 38.79 -32.16 -10.33
CA SER A 124 37.42 -31.70 -10.32
C SER A 124 37.12 -30.68 -9.24
N ILE A 125 38.05 -30.41 -8.33
CA ILE A 125 37.90 -29.31 -7.38
C ILE A 125 38.54 -28.09 -8.03
N GLY A 126 39.51 -28.33 -8.90
CA GLY A 126 40.14 -27.26 -9.64
C GLY A 126 39.23 -26.56 -10.62
N VAL A 127 38.15 -27.23 -11.04
CA VAL A 127 37.12 -26.56 -11.82
C VAL A 127 36.13 -25.83 -10.91
N PHE A 128 35.86 -26.36 -9.72
CA PHE A 128 34.92 -25.77 -8.78
C PHE A 128 35.51 -24.57 -8.03
N SER A 129 36.68 -24.10 -8.41
CA SER A 129 37.21 -22.87 -7.85
C SER A 129 37.19 -21.70 -8.82
N VAL A 130 37.04 -21.94 -10.11
CA VAL A 130 36.93 -20.87 -11.08
C VAL A 130 35.50 -20.77 -11.64
N MET A 131 34.74 -21.85 -11.62
CA MET A 131 33.32 -21.80 -11.97
C MET A 131 32.45 -21.39 -10.79
N ALA A 132 33.04 -20.94 -9.69
CA ALA A 132 32.28 -20.45 -8.56
C ALA A 132 32.56 -19.00 -8.25
N VAL A 133 33.56 -18.39 -8.86
CA VAL A 133 33.74 -16.95 -8.76
C VAL A 133 32.88 -16.26 -9.81
N LEU A 134 32.77 -16.85 -10.99
CA LEU A 134 31.93 -16.30 -12.05
C LEU A 134 30.44 -16.38 -11.73
N HIS A 135 30.04 -17.28 -10.82
CA HIS A 135 28.65 -17.29 -10.39
C HIS A 135 28.37 -16.17 -9.40
N VAL A 136 29.35 -15.81 -8.59
CA VAL A 136 29.11 -14.75 -7.61
C VAL A 136 29.22 -13.39 -8.26
N THR A 137 30.18 -13.19 -9.16
CA THR A 137 30.30 -11.88 -9.80
C THR A 137 29.27 -11.64 -10.88
N ARG A 138 28.40 -12.61 -11.17
CA ARG A 138 27.32 -12.37 -12.12
C ARG A 138 26.08 -11.83 -11.45
N VAL A 139 25.69 -12.44 -10.33
CA VAL A 139 24.44 -12.06 -9.67
C VAL A 139 24.55 -10.65 -9.09
N MET A 140 25.69 -10.32 -8.51
CA MET A 140 25.88 -8.96 -8.01
C MET A 140 26.08 -7.95 -9.14
N ALA A 141 26.33 -8.39 -10.36
CA ALA A 141 26.32 -7.52 -11.52
C ALA A 141 24.99 -7.59 -12.26
N ASP A 142 23.98 -8.16 -11.62
CA ASP A 142 22.66 -8.27 -12.19
C ASP A 142 21.58 -7.56 -11.38
N ILE A 143 21.75 -7.49 -10.06
CA ILE A 143 20.82 -6.72 -9.24
C ILE A 143 20.96 -5.24 -9.55
N TYR A 144 22.17 -4.78 -9.84
CA TYR A 144 22.36 -3.36 -10.11
C TYR A 144 21.79 -2.96 -11.46
N LEU A 145 21.81 -3.87 -12.43
CA LEU A 145 21.36 -3.49 -13.77
C LEU A 145 19.86 -3.45 -13.88
N THR A 146 19.17 -4.46 -13.35
CA THR A 146 17.72 -4.49 -13.45
C THR A 146 17.02 -3.60 -12.43
N GLN A 147 17.76 -2.95 -11.53
CA GLN A 147 17.19 -1.94 -10.65
C GLN A 147 17.30 -0.54 -11.22
N ARG A 148 17.96 -0.38 -12.36
CA ARG A 148 18.01 0.91 -13.03
C ARG A 148 17.24 0.90 -14.34
N PHE A 149 16.45 -0.13 -14.58
CA PHE A 149 15.53 -0.12 -15.71
C PHE A 149 14.10 0.19 -15.31
N ILE A 150 13.61 -0.40 -14.21
CA ILE A 150 12.23 -0.14 -13.84
C ILE A 150 12.06 1.20 -13.15
N ILE A 151 13.14 1.83 -12.69
CA ILE A 151 13.05 3.18 -12.18
C ILE A 151 12.75 4.15 -13.31
N ALA A 152 13.45 4.00 -14.44
CA ALA A 152 13.19 4.83 -15.59
C ALA A 152 11.93 4.44 -16.34
N TRP A 153 11.27 3.34 -15.95
CA TRP A 153 9.92 3.07 -16.42
C TRP A 153 8.88 3.70 -15.52
N ARG A 154 9.06 3.61 -14.20
CA ARG A 154 8.08 4.17 -13.27
C ARG A 154 8.07 5.69 -13.34
N VAL A 155 9.24 6.32 -13.39
CA VAL A 155 9.31 7.78 -13.35
C VAL A 155 8.83 8.41 -14.65
N TRP A 156 8.65 7.62 -15.69
CA TRP A 156 7.98 8.11 -16.88
C TRP A 156 6.50 7.75 -16.92
N LEU A 157 6.12 6.57 -16.45
CA LEU A 157 4.72 6.18 -16.55
C LEU A 157 3.84 6.98 -15.60
N THR A 158 4.32 7.23 -14.38
CA THR A 158 3.50 8.00 -13.46
C THR A 158 3.49 9.49 -13.77
N HIS A 159 4.28 9.93 -14.74
CA HIS A 159 4.14 11.25 -15.32
C HIS A 159 3.26 11.24 -16.56
N HIS A 160 3.26 10.16 -17.31
CA HIS A 160 2.41 10.08 -18.50
C HIS A 160 0.94 9.96 -18.14
N LEU A 161 0.64 9.30 -17.02
CA LEU A 161 -0.78 9.09 -16.69
C LEU A 161 -1.43 10.33 -16.08
N THR A 162 -0.68 11.10 -15.30
CA THR A 162 -1.26 12.26 -14.64
C THR A 162 -1.59 13.37 -15.64
N GLN A 163 -0.71 13.57 -16.63
CA GLN A 163 -0.95 14.60 -17.64
C GLN A 163 -2.15 14.26 -18.51
N ASP A 164 -2.47 12.98 -18.66
CA ASP A 164 -3.69 12.61 -19.36
C ASP A 164 -4.90 12.65 -18.44
N TRP A 165 -4.70 12.57 -17.12
CA TRP A 165 -5.86 12.64 -16.22
C TRP A 165 -6.47 14.03 -16.21
N LEU A 166 -5.66 15.06 -15.95
CA LEU A 166 -6.16 16.42 -15.84
C LEU A 166 -5.88 17.27 -17.06
N ASP A 167 -5.96 16.68 -18.25
CA ASP A 167 -5.75 17.46 -19.47
C ASP A 167 -6.99 18.26 -19.82
N GLY A 168 -8.09 17.59 -20.12
CA GLY A 168 -9.22 18.24 -20.73
C GLY A 168 -10.44 18.38 -19.85
N ARG A 169 -10.21 18.79 -18.59
CA ARG A 169 -11.23 18.85 -17.54
C ARG A 169 -11.90 17.49 -17.34
N ALA A 170 -11.11 16.43 -17.44
CA ALA A 170 -11.60 15.09 -17.28
C ALA A 170 -11.55 14.62 -15.84
N TYR A 171 -11.09 15.45 -14.92
CA TYR A 171 -11.13 15.12 -13.50
C TYR A 171 -12.46 15.48 -12.86
N TYR A 172 -13.32 16.18 -13.59
CA TYR A 172 -14.67 16.48 -13.12
C TYR A 172 -15.75 15.79 -13.92
N ARG A 173 -15.57 15.61 -15.22
CA ARG A 173 -16.61 15.03 -16.05
C ARG A 173 -16.73 13.52 -15.92
N ASP A 174 -15.86 12.88 -15.14
CA ASP A 174 -15.96 11.43 -14.98
C ASP A 174 -17.09 11.01 -14.06
N LEU A 175 -17.71 11.95 -13.33
CA LEU A 175 -18.80 11.62 -12.44
C LEU A 175 -20.15 11.58 -13.15
N PHE A 176 -20.17 11.81 -14.46
CA PHE A 176 -21.40 11.75 -15.23
C PHE A 176 -21.38 10.66 -16.30
N ILE A 177 -20.30 9.89 -16.41
CA ILE A 177 -20.22 8.81 -17.39
C ILE A 177 -21.03 7.63 -16.89
N ASP A 178 -21.24 6.64 -17.75
CA ASP A 178 -22.21 5.59 -17.45
C ASP A 178 -21.64 4.55 -16.48
N GLU A 179 -20.62 3.83 -16.89
CA GLU A 179 -19.99 2.82 -16.03
C GLU A 179 -18.91 3.54 -15.23
N THR A 180 -19.31 4.11 -14.09
CA THR A 180 -18.40 4.94 -13.32
C THR A 180 -17.32 4.11 -12.65
N ILE A 181 -16.13 4.70 -12.54
CA ILE A 181 -15.02 4.08 -11.86
C ILE A 181 -14.81 4.81 -10.55
N ASP A 182 -14.00 4.23 -9.68
CA ASP A 182 -13.86 4.72 -8.31
C ASP A 182 -12.41 4.91 -7.93
N ASN A 183 -12.21 5.78 -6.92
CA ASN A 183 -11.01 6.21 -6.21
C ASN A 183 -9.74 6.22 -7.05
N PRO A 184 -9.60 7.16 -8.00
CA PRO A 184 -8.40 7.21 -8.83
C PRO A 184 -7.15 7.73 -8.12
N ASP A 185 -7.16 7.88 -6.79
CA ASP A 185 -5.93 8.13 -6.09
C ASP A 185 -5.05 6.90 -6.00
N GLN A 186 -5.63 5.71 -6.12
CA GLN A 186 -4.87 4.47 -5.98
C GLN A 186 -4.25 4.00 -7.28
N ARG A 187 -4.88 4.32 -8.41
CA ARG A 187 -4.35 3.86 -9.68
C ARG A 187 -3.10 4.62 -10.13
N ILE A 188 -2.64 5.62 -9.39
CA ILE A 188 -1.44 6.36 -9.72
C ILE A 188 -0.34 6.17 -8.69
N GLN A 189 -0.69 6.19 -7.40
CA GLN A 189 0.32 6.08 -6.35
C GLN A 189 0.75 4.64 -6.13
N GLN A 190 -0.19 3.69 -6.17
CA GLN A 190 0.07 2.31 -5.81
C GLN A 190 0.16 1.37 -7.00
N ASP A 191 -0.84 1.37 -7.87
CA ASP A 191 -0.95 0.36 -8.92
C ASP A 191 -0.18 0.71 -10.18
N VAL A 192 0.72 1.68 -10.12
CA VAL A 192 1.72 1.82 -11.16
C VAL A 192 2.98 1.05 -10.75
N ASP A 193 3.17 0.82 -9.45
CA ASP A 193 4.34 0.09 -8.98
C ASP A 193 4.25 -1.41 -9.30
N ILE A 194 3.07 -2.01 -9.06
CA ILE A 194 2.91 -3.44 -9.32
C ILE A 194 2.94 -3.72 -10.82
N PHE A 195 2.38 -2.81 -11.62
CA PHE A 195 2.35 -3.00 -13.07
C PHE A 195 3.74 -2.87 -13.68
N THR A 196 4.60 -2.03 -13.11
CA THR A 196 5.92 -1.83 -13.69
C THR A 196 7.00 -2.68 -13.03
N ALA A 197 6.72 -3.31 -11.89
CA ALA A 197 7.66 -4.21 -11.27
C ALA A 197 7.61 -5.61 -11.86
N GLY A 198 6.43 -6.08 -12.25
CA GLY A 198 6.30 -7.33 -12.95
C GLY A 198 6.46 -8.56 -12.10
N ALA A 199 6.63 -8.41 -10.78
CA ALA A 199 6.94 -9.56 -9.96
C ALA A 199 5.67 -10.35 -9.62
N GLY A 200 4.78 -9.74 -8.85
CA GLY A 200 3.58 -10.42 -8.42
C GLY A 200 2.42 -9.48 -8.29
N GLY A 201 1.74 -9.54 -7.16
CA GLY A 201 0.81 -8.50 -6.79
C GLY A 201 1.42 -7.64 -5.71
N THR A 202 2.75 -7.67 -5.61
CA THR A 202 3.49 -6.97 -4.56
C THR A 202 4.39 -5.91 -5.18
N PRO A 203 4.58 -4.78 -4.50
CA PRO A 203 5.48 -3.75 -5.02
C PRO A 203 6.93 -4.21 -4.98
N ASN A 204 7.77 -3.52 -5.74
CA ASN A 204 9.16 -3.93 -5.83
C ASN A 204 9.93 -3.48 -4.60
N ALA A 205 10.94 -4.26 -4.26
CA ALA A 205 11.86 -4.05 -3.16
C ALA A 205 13.26 -4.34 -3.67
N PRO A 206 14.28 -3.63 -3.18
CA PRO A 206 15.59 -3.69 -3.84
C PRO A 206 16.37 -4.98 -3.66
N SER A 207 15.76 -6.12 -3.98
CA SER A 207 16.51 -7.36 -4.14
C SER A 207 15.95 -8.22 -5.27
N ASN A 208 15.01 -7.70 -6.06
CA ASN A 208 14.45 -8.45 -7.18
C ASN A 208 15.48 -8.52 -8.30
N GLY A 209 15.98 -9.71 -8.56
CA GLY A 209 16.87 -9.93 -9.68
C GLY A 209 16.13 -10.29 -10.94
N THR A 210 16.87 -10.83 -11.90
CA THR A 210 16.27 -11.26 -13.15
C THR A 210 15.45 -12.54 -12.96
N ALA A 211 15.80 -13.36 -11.99
CA ALA A 211 15.14 -14.64 -11.78
C ALA A 211 13.80 -14.54 -11.07
N SER A 212 13.31 -13.34 -10.79
CA SER A 212 12.02 -13.16 -10.12
C SER A 212 11.20 -12.13 -10.86
N THR A 213 11.14 -12.25 -12.18
CA THR A 213 10.37 -11.35 -13.02
C THR A 213 9.66 -12.17 -14.07
N LEU A 214 8.36 -11.91 -14.26
CA LEU A 214 7.51 -12.80 -15.05
C LEU A 214 7.87 -12.84 -16.52
N LEU A 215 8.53 -11.82 -17.06
CA LEU A 215 8.97 -11.94 -18.44
C LEU A 215 10.28 -12.69 -18.52
N PHE A 216 11.26 -12.32 -17.72
CA PHE A 216 12.58 -12.94 -17.79
C PHE A 216 12.69 -14.20 -16.95
N GLY A 217 11.62 -14.60 -16.29
CA GLY A 217 11.58 -15.92 -15.72
C GLY A 217 11.08 -16.97 -16.67
N ALA A 218 10.72 -16.56 -17.88
CA ALA A 218 10.21 -17.47 -18.91
C ALA A 218 11.24 -17.76 -19.99
N VAL A 219 11.93 -16.73 -20.49
CA VAL A 219 12.98 -16.94 -21.47
C VAL A 219 14.16 -17.68 -20.86
N GLN A 220 14.40 -17.47 -19.57
CA GLN A 220 15.36 -18.29 -18.84
C GLN A 220 14.86 -19.73 -18.68
N SER A 221 13.55 -19.96 -18.76
CA SER A 221 13.00 -21.30 -18.63
C SER A 221 12.52 -21.87 -19.95
N ILE A 222 13.02 -21.34 -21.07
CA ILE A 222 12.82 -21.94 -22.38
C ILE A 222 14.15 -22.30 -23.04
N ILE A 223 15.13 -21.41 -22.94
CA ILE A 223 16.50 -21.72 -23.35
C ILE A 223 17.05 -22.88 -22.51
N SER A 224 16.72 -22.93 -21.22
CA SER A 224 17.21 -24.00 -20.37
C SER A 224 16.45 -25.31 -20.53
N VAL A 225 15.63 -25.46 -21.57
CA VAL A 225 15.06 -26.75 -21.95
C VAL A 225 15.62 -27.24 -23.27
N ILE A 226 15.87 -26.32 -24.21
CA ILE A 226 16.50 -26.67 -25.47
C ILE A 226 17.96 -27.09 -25.24
N SER A 227 18.64 -26.42 -24.30
CA SER A 227 20.05 -26.73 -24.07
C SER A 227 20.23 -28.03 -23.31
N PHE A 228 19.28 -28.40 -22.43
CA PHE A 228 19.40 -29.59 -21.61
C PHE A 228 18.64 -30.79 -22.16
N THR A 229 18.41 -30.86 -23.47
CA THR A 229 17.75 -32.02 -24.05
C THR A 229 18.67 -32.86 -24.91
N ALA A 230 19.84 -32.37 -25.26
CA ALA A 230 20.78 -33.16 -26.04
C ALA A 230 21.56 -34.14 -25.20
N ILE A 231 21.41 -34.10 -23.88
CA ILE A 231 22.14 -34.96 -22.98
C ILE A 231 21.33 -36.18 -22.58
N LEU A 232 20.07 -35.96 -22.21
CA LEU A 232 19.23 -37.06 -21.78
C LEU A 232 18.77 -37.92 -22.96
N TRP A 233 18.76 -37.37 -24.18
CA TRP A 233 18.20 -38.07 -25.32
C TRP A 233 19.08 -39.23 -25.77
N ASN A 234 20.38 -39.16 -25.52
CA ASN A 234 21.28 -40.27 -25.79
C ASN A 234 21.69 -40.98 -24.50
N LEU A 235 20.81 -40.98 -23.50
CA LEU A 235 21.10 -41.63 -22.23
C LEU A 235 20.01 -42.54 -21.71
N SER A 236 18.77 -42.41 -22.17
CA SER A 236 17.70 -43.23 -21.64
C SER A 236 17.78 -44.65 -22.17
N GLY A 237 17.02 -45.55 -21.55
CA GLY A 237 16.98 -46.94 -21.93
C GLY A 237 15.67 -47.30 -22.61
N THR A 238 15.57 -48.58 -22.97
CA THR A 238 14.40 -49.12 -23.63
C THR A 238 13.64 -49.97 -22.61
N LEU A 239 12.80 -49.32 -21.83
CA LEU A 239 12.09 -49.98 -20.74
C LEU A 239 10.93 -50.80 -21.32
N ASN A 240 11.08 -52.12 -21.30
CA ASN A 240 10.09 -53.03 -21.86
C ASN A 240 9.11 -53.42 -20.77
N ILE A 241 8.08 -52.59 -20.60
CA ILE A 241 6.97 -52.90 -19.70
C ILE A 241 6.03 -53.86 -20.43
N PHE A 242 5.07 -54.44 -19.69
CA PHE A 242 4.09 -55.34 -20.28
C PHE A 242 3.28 -54.66 -21.37
N GLY A 243 3.02 -55.39 -22.43
CA GLY A 243 2.34 -54.85 -23.59
C GLY A 243 3.34 -54.34 -24.63
N VAL A 244 3.32 -53.03 -24.87
CA VAL A 244 4.18 -52.41 -25.88
C VAL A 244 5.57 -52.17 -25.31
N SER A 245 6.52 -51.85 -26.18
CA SER A 245 7.92 -51.69 -25.81
C SER A 245 8.37 -50.28 -26.18
N ILE A 246 8.61 -49.45 -25.17
CA ILE A 246 8.91 -48.03 -25.42
C ILE A 246 10.36 -47.90 -25.86
N PRO A 247 10.66 -47.15 -26.93
CA PRO A 247 12.05 -47.01 -27.35
C PRO A 247 12.91 -46.14 -26.44
N ARG A 248 12.40 -44.98 -26.00
CA ARG A 248 13.14 -44.11 -25.08
C ARG A 248 12.17 -43.63 -24.02
N ALA A 249 12.20 -44.27 -22.86
CA ALA A 249 11.12 -44.14 -21.89
C ALA A 249 11.28 -42.90 -21.02
N MET A 250 12.50 -42.58 -20.61
CA MET A 250 12.70 -41.53 -19.62
C MET A 250 12.42 -40.16 -20.20
N PHE A 251 12.78 -39.93 -21.46
CA PHE A 251 12.55 -38.63 -22.07
C PHE A 251 11.08 -38.43 -22.40
N TRP A 252 10.36 -39.49 -22.76
CA TRP A 252 8.97 -39.36 -23.15
C TRP A 252 8.00 -39.57 -22.00
N THR A 253 8.49 -39.92 -20.81
CA THR A 253 7.59 -40.06 -19.68
C THR A 253 7.28 -38.72 -19.03
N VAL A 254 8.32 -37.89 -18.86
CA VAL A 254 8.15 -36.59 -18.21
C VAL A 254 7.32 -35.65 -19.08
N LEU A 255 7.37 -35.82 -20.40
CA LEU A 255 6.64 -34.95 -21.30
C LEU A 255 5.14 -35.18 -21.25
N VAL A 256 4.70 -36.40 -20.98
CA VAL A 256 3.28 -36.64 -20.77
C VAL A 256 2.92 -36.51 -19.29
N TYR A 257 3.91 -36.51 -18.40
CA TYR A 257 3.62 -36.35 -16.98
C TYR A 257 3.38 -34.89 -16.60
N VAL A 258 4.09 -33.97 -17.24
CA VAL A 258 3.86 -32.56 -16.95
C VAL A 258 2.54 -32.10 -17.56
N PHE A 259 2.15 -32.69 -18.70
CA PHE A 259 0.97 -32.21 -19.41
C PHE A 259 -0.33 -32.53 -18.68
N VAL A 260 -0.39 -33.62 -17.94
CA VAL A 260 -1.61 -33.93 -17.19
C VAL A 260 -1.75 -33.02 -15.99
N ALA A 261 -0.65 -32.79 -15.27
CA ALA A 261 -0.70 -31.90 -14.12
C ALA A 261 -0.77 -30.43 -14.50
N THR A 262 -0.51 -30.08 -15.75
CA THR A 262 -0.64 -28.69 -16.16
C THR A 262 -2.09 -28.28 -16.40
N VAL A 263 -2.89 -29.16 -17.02
CA VAL A 263 -4.28 -28.83 -17.31
C VAL A 263 -5.10 -28.76 -16.03
N ILE A 264 -4.81 -29.65 -15.07
CA ILE A 264 -5.49 -29.63 -13.79
C ILE A 264 -5.09 -28.40 -12.98
N SER A 265 -3.89 -27.88 -13.20
CA SER A 265 -3.48 -26.67 -12.49
C SER A 265 -4.03 -25.40 -13.10
N PHE A 266 -4.81 -25.46 -14.18
CA PHE A 266 -5.46 -24.28 -14.73
C PHE A 266 -6.93 -24.16 -14.42
N ILE A 267 -7.63 -25.26 -14.13
CA ILE A 267 -9.05 -25.19 -13.80
C ILE A 267 -9.27 -25.12 -12.29
N ILE A 268 -8.23 -24.92 -11.52
CA ILE A 268 -8.35 -24.66 -10.09
C ILE A 268 -8.18 -23.18 -9.79
N GLY A 269 -7.20 -22.54 -10.40
CA GLY A 269 -6.98 -21.12 -10.22
C GLY A 269 -7.71 -20.27 -11.25
N ARG A 270 -8.84 -20.77 -11.73
CA ARG A 270 -9.60 -20.01 -12.74
C ARG A 270 -10.33 -18.81 -12.14
N PRO A 271 -11.08 -18.89 -11.00
CA PRO A 271 -11.64 -17.65 -10.46
C PRO A 271 -10.72 -16.95 -9.50
N LEU A 272 -9.43 -17.30 -9.50
CA LEU A 272 -8.48 -16.67 -8.61
C LEU A 272 -8.21 -15.21 -8.95
N ILE A 273 -8.52 -14.79 -10.18
CA ILE A 273 -8.27 -13.41 -10.58
C ILE A 273 -9.24 -12.47 -9.88
N TRP A 274 -10.55 -12.73 -10.01
CA TRP A 274 -11.54 -11.81 -9.49
C TRP A 274 -11.67 -11.85 -7.97
N LEU A 275 -10.99 -12.77 -7.30
CA LEU A 275 -10.82 -12.65 -5.87
C LEU A 275 -9.61 -11.83 -5.48
N SER A 276 -8.73 -11.52 -6.44
CA SER A 276 -7.60 -10.64 -6.18
C SER A 276 -7.77 -9.27 -6.81
N PHE A 277 -8.91 -9.01 -7.46
CA PHE A 277 -9.23 -7.66 -7.89
C PHE A 277 -10.08 -6.94 -6.86
N ARG A 278 -10.97 -7.65 -6.18
CA ARG A 278 -11.80 -7.02 -5.17
C ARG A 278 -11.02 -6.66 -3.91
N ASN A 279 -9.90 -7.33 -3.66
CA ASN A 279 -9.11 -7.02 -2.48
C ASN A 279 -8.36 -5.70 -2.62
N GLU A 280 -8.07 -5.28 -3.84
CA GLU A 280 -7.45 -3.98 -4.02
C GLU A 280 -8.46 -2.84 -4.07
N LYS A 281 -9.75 -3.15 -4.20
CA LYS A 281 -10.75 -2.10 -4.17
C LYS A 281 -11.34 -1.95 -2.78
N LEU A 282 -11.55 -3.04 -2.06
CA LEU A 282 -12.12 -2.94 -0.72
C LEU A 282 -11.13 -2.38 0.29
N ASN A 283 -9.82 -2.50 0.04
CA ASN A 283 -8.83 -1.84 0.86
C ASN A 283 -8.42 -0.49 0.30
N ALA A 284 -9.19 0.05 -0.62
CA ALA A 284 -9.03 1.43 -1.04
C ALA A 284 -10.27 2.27 -0.81
N ALA A 285 -11.43 1.65 -0.64
CA ALA A 285 -12.61 2.33 -0.16
C ALA A 285 -12.67 2.38 1.36
N PHE A 286 -11.67 1.83 2.03
CA PHE A 286 -11.55 1.97 3.47
C PHE A 286 -10.63 3.13 3.84
N ARG A 287 -9.60 3.36 3.04
CA ARG A 287 -8.67 4.44 3.34
C ARG A 287 -9.19 5.80 2.90
N TYR A 288 -10.31 5.86 2.20
CA TYR A 288 -10.91 7.15 1.91
C TYR A 288 -11.76 7.65 3.06
N ALA A 289 -12.38 6.74 3.81
CA ALA A 289 -13.27 7.10 4.89
C ALA A 289 -12.56 7.70 6.09
N LEU A 290 -11.23 7.57 6.17
CA LEU A 290 -10.46 8.26 7.19
C LEU A 290 -9.93 9.61 6.75
N VAL A 291 -9.52 9.74 5.49
CA VAL A 291 -9.06 11.02 4.98
C VAL A 291 -10.23 12.00 4.88
N ARG A 292 -11.46 11.49 4.69
CA ARG A 292 -12.60 12.39 4.79
C ARG A 292 -12.82 12.83 6.23
N LEU A 293 -12.45 12.01 7.21
CA LEU A 293 -12.66 12.41 8.59
C LEU A 293 -11.60 13.37 9.08
N ARG A 294 -10.36 13.23 8.62
CA ARG A 294 -9.22 13.94 9.22
C ARG A 294 -9.31 15.44 8.98
N ASP A 295 -9.49 15.87 7.74
CA ASP A 295 -9.62 17.30 7.48
C ASP A 295 -11.05 17.78 7.55
N ALA A 296 -11.94 17.02 8.18
CA ALA A 296 -13.25 17.49 8.59
C ALA A 296 -13.38 17.44 10.11
N ALA A 297 -12.27 17.68 10.82
CA ALA A 297 -12.23 17.43 12.25
C ALA A 297 -12.93 18.50 13.06
N GLU A 298 -13.17 19.68 12.50
CA GLU A 298 -13.77 20.74 13.29
C GLU A 298 -15.26 20.54 13.46
N ALA A 299 -15.95 20.19 12.38
CA ALA A 299 -17.41 20.12 12.43
C ALA A 299 -17.93 18.91 13.18
N VAL A 300 -17.12 17.85 13.32
CA VAL A 300 -17.59 16.69 14.05
C VAL A 300 -17.54 16.96 15.55
N GLY A 301 -16.64 17.83 15.99
CA GLY A 301 -16.54 18.13 17.41
C GLY A 301 -17.72 18.90 17.96
N PHE A 302 -18.30 19.79 17.15
CA PHE A 302 -19.47 20.55 17.57
C PHE A 302 -20.73 19.69 17.63
N TYR A 303 -20.74 18.56 16.94
CA TYR A 303 -21.93 17.71 16.88
C TYR A 303 -21.91 16.57 17.87
N ARG A 304 -20.74 16.27 18.46
CA ARG A 304 -20.51 15.09 19.31
C ARG A 304 -20.89 13.80 18.60
N GLY A 305 -20.63 13.74 17.30
CA GLY A 305 -21.04 12.60 16.50
C GLY A 305 -19.98 11.52 16.42
N GLU A 306 -19.59 10.97 17.56
CA GLU A 306 -18.58 9.93 17.62
C GLU A 306 -19.18 8.54 17.81
N ARG A 307 -20.49 8.39 17.61
CA ARG A 307 -21.13 7.10 17.71
C ARG A 307 -21.83 6.66 16.44
N VAL A 308 -22.23 7.59 15.57
CA VAL A 308 -22.71 7.21 14.25
C VAL A 308 -21.53 6.92 13.35
N GLU A 309 -20.50 7.76 13.40
CA GLU A 309 -19.33 7.58 12.55
C GLU A 309 -18.55 6.33 12.93
N GLY A 310 -18.64 5.90 14.18
CA GLY A 310 -18.04 4.65 14.58
C GLY A 310 -18.75 3.43 14.04
N THR A 311 -19.98 3.59 13.56
CA THR A 311 -20.65 2.47 12.92
C THR A 311 -20.20 2.34 11.48
N GLN A 312 -19.88 3.46 10.83
CA GLN A 312 -19.58 3.44 9.39
C GLN A 312 -18.27 2.74 9.09
N LEU A 313 -17.26 2.89 9.95
CA LEU A 313 -16.02 2.20 9.70
C LEU A 313 -16.16 0.70 9.89
N GLN A 314 -16.98 0.28 10.85
CA GLN A 314 -17.24 -1.15 10.99
C GLN A 314 -18.16 -1.68 9.89
N ARG A 315 -18.94 -0.81 9.27
CA ARG A 315 -19.76 -1.21 8.14
C ARG A 315 -18.95 -1.28 6.85
N ARG A 316 -17.89 -0.50 6.74
CA ARG A 316 -17.02 -0.52 5.56
C ARG A 316 -15.79 -1.39 5.72
N PHE A 317 -15.55 -1.91 6.92
CA PHE A 317 -14.40 -2.76 7.15
C PHE A 317 -14.70 -4.24 7.05
N THR A 318 -15.81 -4.70 7.60
CA THR A 318 -16.07 -6.14 7.66
C THR A 318 -16.21 -6.90 6.34
N PRO A 319 -16.52 -6.31 5.17
CA PRO A 319 -16.37 -7.10 3.94
C PRO A 319 -14.95 -7.18 3.41
N VAL A 320 -13.96 -6.61 4.07
CA VAL A 320 -12.57 -6.84 3.68
C VAL A 320 -12.04 -8.14 4.25
N ILE A 321 -12.23 -8.34 5.56
CA ILE A 321 -11.80 -9.58 6.20
C ILE A 321 -12.73 -10.74 5.90
N ASP A 322 -13.88 -10.49 5.28
CA ASP A 322 -14.71 -11.58 4.78
C ASP A 322 -14.37 -11.97 3.35
N ASN A 323 -13.78 -11.05 2.58
CA ASN A 323 -13.28 -11.38 1.24
C ASN A 323 -11.82 -11.78 1.28
N TYR A 324 -11.39 -12.36 2.39
CA TYR A 324 -10.03 -12.85 2.56
C TYR A 324 -10.10 -14.26 3.09
N ARG A 325 -11.20 -14.58 3.78
CA ARG A 325 -11.38 -15.91 4.33
C ARG A 325 -11.97 -16.88 3.33
N ARG A 326 -12.35 -16.42 2.14
CA ARG A 326 -12.64 -17.32 1.03
C ARG A 326 -11.62 -17.17 -0.08
N TYR A 327 -10.62 -16.32 0.10
CA TYR A 327 -9.47 -16.26 -0.78
C TYR A 327 -8.31 -17.10 -0.25
N VAL A 328 -8.24 -17.30 1.06
CA VAL A 328 -7.25 -18.23 1.59
C VAL A 328 -7.74 -19.66 1.49
N ARG A 329 -9.04 -19.88 1.25
CA ARG A 329 -9.55 -21.22 1.03
C ARG A 329 -9.37 -21.70 -0.39
N ARG A 330 -8.97 -20.82 -1.30
CA ARG A 330 -8.68 -21.19 -2.68
C ARG A 330 -7.20 -21.40 -2.92
N SER A 331 -6.36 -20.55 -2.32
CA SER A 331 -4.92 -20.63 -2.53
C SER A 331 -4.23 -21.57 -1.57
N ILE A 332 -4.95 -22.51 -0.97
CA ILE A 332 -4.37 -23.67 -0.34
C ILE A 332 -4.61 -24.93 -1.17
N ALA A 333 -5.84 -25.09 -1.68
CA ALA A 333 -6.13 -26.24 -2.52
C ALA A 333 -5.41 -26.16 -3.86
N PHE A 334 -5.14 -24.96 -4.35
CA PHE A 334 -4.30 -24.85 -5.53
C PHE A 334 -2.85 -25.09 -5.19
N ASN A 335 -2.37 -24.52 -4.08
CA ASN A 335 -0.97 -24.70 -3.73
C ASN A 335 -0.70 -26.07 -3.11
N GLY A 336 -1.73 -26.77 -2.68
CA GLY A 336 -1.56 -28.15 -2.25
C GLY A 336 -1.52 -29.14 -3.37
N TRP A 337 -1.80 -28.71 -4.59
CA TRP A 337 -1.73 -29.57 -5.76
C TRP A 337 -0.40 -29.47 -6.48
N ASN A 338 0.17 -28.27 -6.58
CA ASN A 338 1.47 -28.12 -7.21
C ASN A 338 2.64 -28.43 -6.28
N LEU A 339 2.37 -28.88 -5.06
CA LEU A 339 3.40 -29.49 -4.23
C LEU A 339 3.32 -31.00 -4.25
N SER A 340 2.13 -31.57 -4.35
CA SER A 340 1.99 -33.02 -4.37
C SER A 340 2.31 -33.64 -5.71
N VAL A 341 2.62 -32.85 -6.74
CA VAL A 341 3.06 -33.39 -8.01
C VAL A 341 4.54 -33.11 -8.26
N SER A 342 5.15 -32.19 -7.51
CA SER A 342 6.58 -31.93 -7.62
C SER A 342 7.36 -32.67 -6.55
N GLN A 343 6.75 -33.66 -5.92
CA GLN A 343 7.41 -34.51 -4.94
C GLN A 343 7.37 -35.98 -5.34
N THR A 344 6.30 -36.45 -5.96
CA THR A 344 6.14 -37.85 -6.32
C THR A 344 6.83 -38.22 -7.61
N ILE A 345 7.81 -37.44 -8.06
CA ILE A 345 8.54 -37.76 -9.28
C ILE A 345 10.03 -37.75 -8.97
N VAL A 346 10.40 -37.31 -7.77
CA VAL A 346 11.81 -37.14 -7.47
C VAL A 346 12.58 -38.45 -7.26
N PRO A 347 12.01 -39.62 -6.77
CA PRO A 347 12.82 -40.84 -6.89
C PRO A 347 12.55 -41.60 -8.18
N LEU A 348 12.40 -40.92 -9.31
CA LEU A 348 12.20 -41.68 -10.54
C LEU A 348 13.47 -42.14 -11.25
N PRO A 349 14.50 -41.30 -11.51
CA PRO A 349 15.63 -41.84 -12.29
C PRO A 349 16.55 -42.75 -11.51
N TRP A 350 16.37 -42.86 -10.20
CA TRP A 350 17.18 -43.77 -9.43
C TRP A 350 16.71 -45.22 -9.55
N VAL A 351 15.49 -45.45 -10.02
CA VAL A 351 14.97 -46.81 -10.15
C VAL A 351 14.85 -47.27 -11.59
N ILE A 352 14.91 -46.37 -12.57
CA ILE A 352 14.92 -46.79 -13.97
C ILE A 352 16.34 -47.08 -14.43
N GLN A 353 17.34 -46.44 -13.82
CA GLN A 353 18.73 -46.71 -14.09
C GLN A 353 19.40 -47.46 -12.93
N ALA A 354 18.61 -48.19 -12.17
CA ALA A 354 19.19 -49.01 -11.10
C ALA A 354 19.83 -50.31 -11.61
N PRO A 355 19.17 -51.20 -12.37
CA PRO A 355 19.86 -52.45 -12.72
C PRO A 355 20.90 -52.30 -13.82
N ARG A 356 20.99 -51.14 -14.48
CA ARG A 356 22.06 -50.90 -15.43
C ARG A 356 23.35 -50.46 -14.75
N LEU A 357 23.34 -50.31 -13.43
CA LEU A 357 24.53 -49.94 -12.67
C LEU A 357 25.14 -51.10 -11.92
N PHE A 358 24.31 -52.00 -11.36
CA PHE A 358 24.85 -53.20 -10.73
C PHE A 358 25.41 -54.18 -11.74
N ALA A 359 24.98 -54.09 -13.00
CA ALA A 359 25.70 -54.62 -14.13
C ALA A 359 26.52 -53.50 -14.76
N GLY A 360 27.56 -53.88 -15.51
CA GLY A 360 28.52 -52.90 -15.98
C GLY A 360 28.14 -52.13 -17.23
N GLN A 361 26.87 -51.76 -17.37
CA GLN A 361 26.43 -51.04 -18.57
C GLN A 361 26.92 -49.59 -18.56
N ILE A 362 26.78 -48.91 -17.43
CA ILE A 362 27.28 -47.55 -17.27
C ILE A 362 28.24 -47.54 -16.09
N ASP A 363 28.76 -46.37 -15.74
CA ASP A 363 29.92 -46.31 -14.85
C ASP A 363 29.74 -45.23 -13.78
N PHE A 364 28.54 -45.13 -13.21
CA PHE A 364 28.19 -44.37 -12.00
C PHE A 364 28.29 -42.85 -12.16
N GLY A 365 28.82 -42.37 -13.28
CA GLY A 365 28.84 -40.94 -13.49
C GLY A 365 27.52 -40.55 -14.11
N ASP A 366 27.04 -41.40 -15.01
CA ASP A 366 25.84 -41.10 -15.76
C ASP A 366 24.58 -41.16 -14.91
N VAL A 367 24.60 -41.89 -13.80
CA VAL A 367 23.45 -41.90 -12.90
C VAL A 367 23.26 -40.53 -12.27
N GLY A 368 24.33 -39.97 -11.71
CA GLY A 368 24.23 -38.64 -11.14
C GLY A 368 24.02 -37.56 -12.16
N GLN A 369 24.67 -37.68 -13.32
CA GLN A 369 24.53 -36.68 -14.37
C GLN A 369 23.16 -36.77 -15.05
N THR A 370 22.47 -37.90 -14.92
CA THR A 370 21.10 -38.06 -15.37
C THR A 370 20.11 -37.51 -14.35
N ALA A 371 20.37 -37.77 -13.06
CA ALA A 371 19.53 -37.21 -12.00
C ALA A 371 19.55 -35.70 -11.97
N THR A 372 20.72 -35.08 -12.18
CA THR A 372 20.83 -33.63 -12.22
C THR A 372 20.08 -33.04 -13.41
N SER A 373 20.04 -33.76 -14.54
CA SER A 373 19.38 -33.23 -15.72
C SER A 373 17.87 -33.44 -15.66
N PHE A 374 17.44 -34.57 -15.11
CA PHE A 374 16.01 -34.81 -14.98
C PHE A 374 15.40 -33.99 -13.87
N GLY A 375 16.20 -33.59 -12.87
CA GLY A 375 15.71 -32.63 -11.91
C GLY A 375 15.82 -31.19 -12.36
N ASN A 376 16.15 -30.97 -13.63
CA ASN A 376 16.28 -29.65 -14.21
C ASN A 376 15.29 -29.41 -15.33
N ILE A 377 15.17 -30.34 -16.28
CA ILE A 377 14.20 -30.12 -17.35
C ILE A 377 12.78 -30.37 -16.86
N HIS A 378 12.59 -31.02 -15.73
CA HIS A 378 11.26 -31.15 -15.17
C HIS A 378 10.88 -29.90 -14.39
N ASP A 379 11.84 -29.31 -13.69
CA ASP A 379 11.54 -28.11 -12.93
C ASP A 379 11.37 -26.90 -13.86
N SER A 380 12.18 -26.81 -14.90
CA SER A 380 12.07 -25.66 -15.79
C SER A 380 10.85 -25.71 -16.68
N LEU A 381 10.30 -26.89 -16.93
CA LEU A 381 8.99 -26.98 -17.56
C LEU A 381 7.86 -26.82 -16.56
N SER A 382 8.15 -26.94 -15.28
CA SER A 382 7.17 -26.72 -14.24
C SER A 382 7.00 -25.25 -13.88
N PHE A 383 7.62 -24.35 -14.65
CA PHE A 383 7.45 -22.92 -14.39
C PHE A 383 6.07 -22.44 -14.77
N PHE A 384 5.41 -23.11 -15.73
CA PHE A 384 4.17 -22.61 -16.28
C PHE A 384 2.94 -23.03 -15.48
N ARG A 385 3.13 -23.64 -14.32
CA ARG A 385 2.02 -23.78 -13.37
C ARG A 385 2.41 -23.43 -11.95
N ASN A 386 3.68 -23.47 -11.60
CA ASN A 386 4.13 -23.09 -10.27
C ASN A 386 4.21 -21.59 -10.08
N ASN A 387 4.03 -20.82 -11.15
CA ASN A 387 3.99 -19.37 -11.10
C ASN A 387 2.74 -18.85 -11.76
N TYR A 388 1.61 -19.50 -11.48
CA TYR A 388 0.34 -19.04 -12.03
C TYR A 388 -0.38 -18.07 -11.12
N ASP A 389 -0.28 -18.23 -9.80
CA ASP A 389 -0.94 -17.30 -8.90
C ASP A 389 -0.28 -15.92 -8.93
N ALA A 390 1.04 -15.87 -9.13
CA ALA A 390 1.72 -14.60 -9.25
C ALA A 390 1.50 -13.95 -10.61
N PHE A 391 0.87 -14.64 -11.54
CA PHE A 391 0.40 -14.02 -12.77
C PHE A 391 -1.03 -13.51 -12.63
N ALA A 392 -1.81 -14.12 -11.74
CA ALA A 392 -3.22 -13.75 -11.61
C ALA A 392 -3.37 -12.36 -11.02
N SER A 393 -2.61 -12.05 -9.97
CA SER A 393 -2.68 -10.71 -9.40
C SER A 393 -2.08 -9.67 -10.32
N PHE A 394 -1.13 -10.07 -11.17
CA PHE A 394 -0.62 -9.15 -12.17
C PHE A 394 -1.68 -8.84 -13.22
N ARG A 395 -2.48 -9.84 -13.60
CA ARG A 395 -3.54 -9.60 -14.56
C ARG A 395 -4.72 -8.85 -13.96
N ALA A 396 -4.80 -8.73 -12.64
CA ALA A 396 -5.74 -7.81 -12.03
C ALA A 396 -5.14 -6.42 -11.87
N ALA A 397 -3.91 -6.20 -12.28
CA ALA A 397 -3.33 -4.87 -12.30
C ALA A 397 -3.33 -4.26 -13.69
N ILE A 398 -3.77 -4.99 -14.70
CA ILE A 398 -3.90 -4.45 -16.05
C ILE A 398 -5.31 -3.97 -16.32
N ILE A 399 -6.32 -4.74 -15.87
CA ILE A 399 -7.71 -4.29 -15.94
C ILE A 399 -7.92 -3.05 -15.10
N ARG A 400 -7.31 -3.00 -13.92
CA ARG A 400 -7.48 -1.89 -12.99
C ARG A 400 -6.92 -0.59 -13.57
N LEU A 401 -5.83 -0.67 -14.32
CA LEU A 401 -5.29 0.53 -14.95
C LEU A 401 -5.98 0.85 -16.26
N HIS A 402 -6.38 -0.17 -17.03
CA HIS A 402 -7.06 0.06 -18.30
C HIS A 402 -8.45 0.63 -18.10
N GLY A 403 -9.05 0.44 -16.93
CA GLY A 403 -10.27 1.14 -16.61
C GLY A 403 -10.11 2.61 -16.28
N LEU A 404 -8.92 3.18 -16.41
CA LEU A 404 -8.70 4.60 -16.21
C LEU A 404 -8.43 5.35 -17.50
N VAL A 405 -7.60 4.81 -18.39
CA VAL A 405 -7.34 5.48 -19.66
C VAL A 405 -8.57 5.44 -20.55
N ASP A 406 -9.33 4.35 -20.48
CA ASP A 406 -10.60 4.27 -21.21
C ASP A 406 -11.77 4.76 -20.36
N ALA A 407 -11.54 5.68 -19.43
CA ALA A 407 -12.61 6.33 -18.71
C ALA A 407 -12.49 7.84 -18.74
N ASN A 408 -11.35 8.37 -19.15
CA ASN A 408 -11.26 9.79 -19.48
C ASN A 408 -11.05 10.01 -20.96
N GLU A 409 -11.20 8.96 -21.77
CA GLU A 409 -11.40 9.10 -23.20
C GLU A 409 -12.88 9.21 -23.52
N LYS A 410 -13.71 8.49 -22.76
CA LYS A 410 -15.16 8.64 -22.79
C LYS A 410 -15.63 9.76 -21.87
N GLY A 411 -14.71 10.49 -21.25
CA GLY A 411 -15.05 11.58 -20.38
C GLY A 411 -15.11 12.93 -21.03
N ARG A 412 -14.70 13.04 -22.28
CA ARG A 412 -14.80 14.30 -23.00
C ARG A 412 -15.73 14.23 -24.19
N ALA A 413 -16.42 13.11 -24.39
CA ALA A 413 -17.38 12.98 -25.46
C ALA A 413 -18.79 13.36 -25.05
N LEU A 414 -18.95 14.08 -23.97
CA LEU A 414 -20.25 14.55 -23.55
C LEU A 414 -20.48 15.98 -24.05
N PRO A 415 -21.72 16.34 -24.38
CA PRO A 415 -21.99 17.66 -24.96
C PRO A 415 -21.76 18.80 -23.98
N ALA A 416 -21.59 20.00 -24.54
CA ALA A 416 -21.27 21.18 -23.75
C ALA A 416 -21.82 22.40 -24.47
N VAL A 417 -21.35 23.58 -24.09
CA VAL A 417 -21.77 24.85 -24.67
C VAL A 417 -20.63 25.40 -25.50
N LEU A 418 -20.93 25.81 -26.73
CA LEU A 418 -19.90 26.29 -27.65
C LEU A 418 -19.62 27.77 -27.43
N THR A 419 -18.33 28.11 -27.41
CA THR A 419 -17.87 29.48 -27.20
C THR A 419 -17.07 29.98 -28.39
N ARG A 420 -17.22 31.27 -28.68
CA ARG A 420 -16.49 31.95 -29.74
C ARG A 420 -16.00 33.29 -29.20
N PRO A 421 -14.82 33.75 -29.63
CA PRO A 421 -14.29 35.01 -29.11
C PRO A 421 -14.99 36.22 -29.70
N SER A 422 -15.21 37.22 -28.85
CA SER A 422 -15.79 38.48 -29.27
C SER A 422 -14.75 39.34 -29.97
N ASP A 423 -15.20 40.48 -30.49
CA ASP A 423 -14.26 41.34 -31.21
C ASP A 423 -13.53 42.33 -30.28
N ASP A 424 -14.24 43.10 -29.46
CA ASP A 424 -13.55 43.94 -28.48
C ASP A 424 -13.92 43.58 -27.04
N GLU A 425 -15.18 43.79 -26.63
CA GLU A 425 -15.61 43.60 -25.24
C GLU A 425 -17.13 43.47 -25.28
N SER A 426 -17.63 42.23 -25.23
CA SER A 426 -19.06 42.00 -25.30
C SER A 426 -19.35 40.60 -24.79
N VAL A 427 -20.39 40.48 -23.98
CA VAL A 427 -20.85 39.18 -23.48
C VAL A 427 -22.30 39.05 -23.91
N GLU A 428 -22.53 38.32 -25.00
CA GLU A 428 -23.89 38.12 -25.47
C GLU A 428 -24.14 36.63 -25.57
N LEU A 429 -25.42 36.26 -25.45
CA LEU A 429 -25.78 34.86 -25.60
C LEU A 429 -27.13 34.77 -26.27
N ASN A 430 -27.24 33.88 -27.25
CA ASN A 430 -28.44 33.80 -28.07
C ASN A 430 -29.54 33.03 -27.35
N ASP A 431 -29.29 31.77 -27.05
CA ASP A 431 -30.27 30.93 -26.37
C ASP A 431 -29.54 29.93 -25.51
N ILE A 432 -29.98 29.77 -24.27
CA ILE A 432 -29.35 28.86 -23.32
C ILE A 432 -30.43 28.13 -22.56
N GLU A 433 -30.40 26.80 -22.56
CA GLU A 433 -31.28 26.02 -21.71
C GLU A 433 -30.45 24.99 -20.97
N VAL A 434 -30.77 24.78 -19.69
CA VAL A 434 -30.08 23.86 -18.82
C VAL A 434 -31.09 22.92 -18.19
N ARG A 435 -30.61 21.76 -17.75
CA ARG A 435 -31.48 20.74 -17.20
C ARG A 435 -30.82 20.07 -16.01
N THR A 436 -31.38 18.93 -15.63
CA THR A 436 -31.01 18.13 -14.49
C THR A 436 -31.02 16.66 -14.90
N PRO A 437 -30.06 15.85 -14.44
CA PRO A 437 -29.99 14.44 -14.86
C PRO A 437 -31.23 13.59 -14.57
N ALA A 438 -32.11 14.03 -13.68
CA ALA A 438 -33.40 13.36 -13.58
C ALA A 438 -34.27 13.62 -14.81
N GLY A 439 -34.11 14.77 -15.44
CA GLY A 439 -34.93 15.13 -16.58
C GLY A 439 -35.91 16.23 -16.26
N ASP A 440 -35.49 17.17 -15.41
CA ASP A 440 -36.33 18.30 -15.04
C ASP A 440 -36.05 19.47 -15.98
N ARG A 441 -36.65 20.63 -15.68
CA ARG A 441 -36.40 21.84 -16.44
C ARG A 441 -36.17 22.98 -15.46
N LEU A 442 -35.12 23.75 -15.69
CA LEU A 442 -34.79 24.88 -14.83
C LEU A 442 -35.02 26.22 -15.53
N ILE A 443 -34.33 26.46 -16.64
CA ILE A 443 -34.37 27.74 -17.33
C ILE A 443 -34.79 27.51 -18.78
N ASP A 444 -35.75 28.29 -19.25
CA ASP A 444 -36.14 28.29 -20.65
C ASP A 444 -35.08 29.01 -21.49
N PRO A 445 -35.10 28.84 -22.81
CA PRO A 445 -34.11 29.55 -23.66
C PRO A 445 -34.23 31.07 -23.56
N LEU A 446 -33.19 31.69 -23.05
CA LEU A 446 -33.16 33.10 -22.71
C LEU A 446 -32.08 33.81 -23.53
N ASP A 447 -32.11 35.14 -23.48
CA ASP A 447 -31.18 35.95 -24.25
C ASP A 447 -30.78 37.16 -23.42
N VAL A 448 -29.51 37.56 -23.54
CA VAL A 448 -29.04 38.79 -22.92
C VAL A 448 -27.80 39.23 -23.69
N ARG A 449 -27.52 40.54 -23.65
CA ARG A 449 -26.36 41.14 -24.28
C ARG A 449 -25.80 42.21 -23.36
N LEU A 450 -24.50 42.12 -23.06
CA LEU A 450 -23.80 43.11 -22.26
C LEU A 450 -22.61 43.64 -23.04
N ASP A 451 -22.25 44.88 -22.73
CA ASP A 451 -21.25 45.65 -23.44
C ASP A 451 -20.07 45.91 -22.51
N ARG A 452 -19.19 46.83 -22.93
CA ARG A 452 -17.95 47.13 -22.20
C ARG A 452 -18.23 47.57 -20.77
N GLY A 453 -18.93 48.67 -20.59
CA GLY A 453 -19.32 49.09 -19.26
C GLY A 453 -20.71 48.63 -18.92
N GLY A 454 -20.84 47.71 -17.97
CA GLY A 454 -22.15 47.20 -17.61
C GLY A 454 -22.09 46.43 -16.31
N SER A 455 -23.26 46.02 -15.84
CA SER A 455 -23.37 45.26 -14.62
C SER A 455 -24.64 44.43 -14.68
N LEU A 456 -24.70 43.42 -13.81
CA LEU A 456 -25.86 42.53 -13.73
C LEU A 456 -25.82 41.77 -12.41
N VAL A 457 -26.99 41.64 -11.78
CA VAL A 457 -27.15 40.78 -10.63
C VAL A 457 -28.26 39.78 -10.90
N ILE A 458 -28.11 38.58 -10.34
CA ILE A 458 -29.07 37.51 -10.50
C ILE A 458 -29.54 37.12 -9.10
N THR A 459 -30.83 37.28 -8.84
CA THR A 459 -31.44 36.80 -7.61
C THR A 459 -32.36 35.65 -7.95
N GLY A 460 -33.09 35.17 -6.94
CA GLY A 460 -34.08 34.14 -7.21
C GLY A 460 -34.63 33.43 -5.99
N ARG A 461 -34.76 32.12 -6.08
CA ARG A 461 -35.30 31.30 -5.00
C ARG A 461 -34.15 30.73 -4.18
N SER A 462 -34.51 29.82 -3.27
CA SER A 462 -33.54 29.31 -2.30
C SER A 462 -32.56 28.35 -2.95
N GLY A 463 -33.04 27.35 -3.67
CA GLY A 463 -32.17 26.37 -4.26
C GLY A 463 -32.58 25.94 -5.66
N ALA A 464 -33.24 26.81 -6.40
CA ALA A 464 -33.76 26.48 -7.72
C ALA A 464 -32.96 27.21 -8.78
N GLY A 465 -31.83 26.61 -9.16
CA GLY A 465 -31.10 27.02 -10.34
C GLY A 465 -30.47 28.40 -10.32
N LYS A 466 -29.45 28.61 -9.51
CA LYS A 466 -28.72 29.86 -9.54
C LYS A 466 -27.22 29.69 -9.74
N THR A 467 -26.66 28.56 -9.31
CA THR A 467 -25.25 28.26 -9.58
C THR A 467 -25.09 27.37 -10.80
N THR A 468 -26.14 26.63 -11.16
CA THR A 468 -26.08 25.72 -12.30
C THR A 468 -25.92 26.50 -13.61
N LEU A 469 -26.52 27.69 -13.68
CA LEU A 469 -26.29 28.59 -14.80
C LEU A 469 -24.82 29.02 -14.86
N LEU A 470 -24.20 29.23 -13.70
CA LEU A 470 -22.77 29.52 -13.69
C LEU A 470 -21.94 28.28 -13.95
N ARG A 471 -22.43 27.10 -13.60
CA ARG A 471 -21.68 25.88 -13.86
C ARG A 471 -21.74 25.47 -15.31
N SER A 472 -22.72 25.98 -16.07
CA SER A 472 -22.84 25.63 -17.48
C SER A 472 -22.20 26.63 -18.43
N LEU A 473 -21.82 27.80 -17.94
CA LEU A 473 -21.26 28.84 -18.79
C LEU A 473 -19.75 28.84 -18.82
N ALA A 474 -19.11 27.77 -18.35
CA ALA A 474 -17.65 27.69 -18.37
C ALA A 474 -17.17 26.36 -18.90
N GLU A 475 -18.00 25.68 -19.70
CA GLU A 475 -17.75 24.35 -20.27
C GLU A 475 -17.41 23.33 -19.19
N LEU A 476 -18.33 23.20 -18.24
CA LEU A 476 -18.11 22.34 -17.10
C LEU A 476 -19.31 21.46 -16.77
N TRP A 477 -20.45 21.66 -17.43
CA TRP A 477 -21.69 20.94 -17.17
C TRP A 477 -22.18 20.28 -18.44
N PRO A 478 -22.59 19.02 -18.39
CA PRO A 478 -22.89 18.30 -19.63
C PRO A 478 -24.27 18.59 -20.22
N TYR A 479 -25.29 18.78 -19.41
CA TYR A 479 -26.67 18.88 -19.92
C TYR A 479 -27.01 20.35 -20.14
N ALA A 480 -26.78 20.83 -21.36
CA ALA A 480 -27.03 22.21 -21.69
C ALA A 480 -27.19 22.33 -23.20
N SER A 481 -27.62 23.51 -23.64
CA SER A 481 -27.67 23.78 -25.07
C SER A 481 -27.43 25.26 -25.32
N GLY A 482 -26.71 25.56 -26.39
CA GLY A 482 -26.58 26.94 -26.83
C GLY A 482 -25.22 27.41 -27.32
N THR A 483 -24.97 28.71 -27.19
CA THR A 483 -23.74 29.32 -27.67
C THR A 483 -23.35 30.47 -26.77
N LEU A 484 -22.14 31.00 -26.97
CA LEU A 484 -21.66 32.12 -26.18
C LEU A 484 -20.60 32.87 -26.99
N HIS A 485 -20.65 34.20 -26.95
CA HIS A 485 -19.58 35.05 -27.46
C HIS A 485 -18.92 35.72 -26.27
N ARG A 486 -17.63 35.50 -26.10
CA ARG A 486 -16.94 35.99 -24.91
C ARG A 486 -15.71 36.82 -25.31
N PRO A 487 -15.30 37.75 -24.47
CA PRO A 487 -13.99 38.37 -24.67
C PRO A 487 -12.89 37.43 -24.25
N GLY A 488 -12.55 36.50 -25.13
CA GLY A 488 -11.67 35.41 -24.78
C GLY A 488 -10.21 35.82 -24.69
N GLY A 489 -9.39 34.80 -24.52
CA GLY A 489 -7.97 34.98 -24.31
C GLY A 489 -7.45 33.87 -23.42
N GLU A 490 -6.44 34.22 -22.64
CA GLU A 490 -5.81 33.26 -21.74
C GLU A 490 -6.51 33.23 -20.39
N ASN A 491 -6.58 34.38 -19.71
CA ASN A 491 -7.10 34.48 -18.37
C ASN A 491 -8.04 35.68 -18.27
N GLU A 492 -8.95 35.79 -19.23
CA GLU A 492 -9.81 36.95 -19.34
C GLU A 492 -11.24 36.67 -18.93
N THR A 493 -11.52 35.50 -18.36
CA THR A 493 -12.83 35.18 -17.78
C THR A 493 -12.54 34.51 -16.43
N MET A 494 -12.46 35.31 -15.38
CA MET A 494 -12.19 34.78 -14.04
C MET A 494 -13.50 34.53 -13.32
N PHE A 495 -13.67 33.32 -12.81
CA PHE A 495 -14.80 32.94 -11.99
C PHE A 495 -14.36 32.83 -10.54
N LEU A 496 -15.34 32.73 -9.64
CA LEU A 496 -15.10 32.38 -8.26
C LEU A 496 -16.12 31.32 -7.85
N SER A 497 -15.88 30.68 -6.71
CA SER A 497 -16.71 29.57 -6.28
C SER A 497 -17.58 29.96 -5.10
N GLN A 498 -18.69 29.23 -4.92
CA GLN A 498 -19.58 29.51 -3.79
C GLN A 498 -18.96 29.08 -2.48
N LEU A 499 -18.08 28.09 -2.51
CA LEU A 499 -17.30 27.75 -1.33
C LEU A 499 -15.84 28.08 -1.60
N PRO A 500 -15.13 28.67 -0.65
CA PRO A 500 -13.77 29.15 -0.93
C PRO A 500 -12.76 28.02 -1.02
N TYR A 501 -11.67 28.29 -1.74
CA TYR A 501 -10.63 27.30 -1.97
C TYR A 501 -9.26 27.94 -1.76
N VAL A 502 -8.35 27.18 -1.14
CA VAL A 502 -6.96 27.58 -0.96
C VAL A 502 -6.05 26.52 -1.58
N PRO A 503 -4.85 26.87 -2.03
CA PRO A 503 -3.90 25.84 -2.48
C PRO A 503 -3.11 25.26 -1.32
N LEU A 504 -2.11 24.43 -1.63
CA LEU A 504 -1.42 23.66 -0.59
C LEU A 504 -0.08 24.25 -0.19
N GLY A 505 0.57 25.03 -1.05
CA GLY A 505 1.93 25.47 -0.83
C GLY A 505 2.09 26.59 0.20
N THR A 506 3.11 27.41 0.00
CA THR A 506 3.44 28.47 0.93
C THR A 506 2.45 29.63 0.79
N LEU A 507 2.67 30.69 1.56
CA LEU A 507 1.83 31.86 1.48
C LEU A 507 2.10 32.69 0.22
N ARG A 508 3.20 32.45 -0.47
CA ARG A 508 3.44 33.16 -1.72
C ARG A 508 2.57 32.65 -2.85
N ASP A 509 2.04 31.44 -2.75
CA ASP A 509 1.17 30.88 -3.77
C ASP A 509 -0.29 30.89 -3.39
N VAL A 510 -0.63 31.33 -2.17
CA VAL A 510 -2.04 31.38 -1.82
C VAL A 510 -2.70 32.62 -2.40
N VAL A 511 -1.93 33.68 -2.66
CA VAL A 511 -2.54 34.91 -3.16
C VAL A 511 -2.46 35.03 -4.67
N CYS A 512 -1.45 34.45 -5.31
CA CYS A 512 -1.34 34.47 -6.77
C CYS A 512 -1.70 33.08 -7.27
N TYR A 513 -3.00 32.77 -7.25
CA TYR A 513 -3.33 31.37 -7.52
C TYR A 513 -3.35 30.96 -8.99
N PRO A 514 -3.98 31.68 -9.94
CA PRO A 514 -3.89 31.19 -11.31
C PRO A 514 -2.55 31.46 -11.95
N ASN A 515 -1.84 32.49 -11.50
CA ASN A 515 -0.50 32.76 -11.97
C ASN A 515 0.52 31.94 -11.19
N SER A 516 1.76 31.95 -11.67
CA SER A 516 2.81 31.16 -11.04
C SER A 516 3.34 31.90 -9.81
N ALA A 517 4.46 31.44 -9.27
CA ALA A 517 4.97 32.00 -8.03
C ALA A 517 5.91 33.19 -8.27
N ALA A 518 6.74 33.13 -9.31
CA ALA A 518 7.77 34.13 -9.54
C ALA A 518 7.40 35.15 -10.60
N ALA A 519 6.18 35.08 -11.15
CA ALA A 519 5.77 35.99 -12.21
C ALA A 519 5.18 37.29 -11.67
N ILE A 520 5.31 37.55 -10.37
CA ILE A 520 4.77 38.74 -9.75
C ILE A 520 5.91 39.46 -9.05
N PRO A 521 6.13 40.75 -9.30
CA PRO A 521 7.18 41.48 -8.58
C PRO A 521 6.83 41.64 -7.10
N ASP A 522 7.78 41.25 -6.24
CA ASP A 522 7.56 41.21 -4.81
C ASP A 522 7.49 42.59 -4.17
N ALA A 523 7.95 43.63 -4.87
CA ALA A 523 7.92 44.97 -4.31
C ALA A 523 6.49 45.50 -4.18
N THR A 524 5.60 45.09 -5.06
CA THR A 524 4.20 45.54 -5.01
C THR A 524 3.24 44.38 -4.84
N LEU A 525 3.70 43.25 -4.30
CA LEU A 525 2.75 42.24 -3.85
C LEU A 525 2.19 42.61 -2.49
N ARG A 526 3.02 43.19 -1.62
CA ARG A 526 2.57 43.56 -0.30
C ARG A 526 1.75 44.83 -0.28
N ASP A 527 1.89 45.67 -1.30
CA ASP A 527 1.22 46.96 -1.28
C ASP A 527 -0.27 46.82 -1.56
N THR A 528 -0.65 45.88 -2.42
CA THR A 528 -2.05 45.65 -2.68
C THR A 528 -2.74 44.92 -1.54
N LEU A 529 -1.98 44.31 -0.63
CA LEU A 529 -2.59 43.70 0.54
C LEU A 529 -3.07 44.73 1.54
N THR A 530 -2.47 45.92 1.55
CA THR A 530 -2.93 46.99 2.43
C THR A 530 -4.24 47.59 1.95
N LYS A 531 -4.57 47.44 0.67
CA LYS A 531 -5.82 47.97 0.13
C LYS A 531 -7.03 47.15 0.53
N VAL A 532 -6.84 45.96 1.08
CA VAL A 532 -7.94 45.11 1.53
C VAL A 532 -7.82 44.79 3.02
N ALA A 533 -7.12 45.66 3.77
CA ALA A 533 -7.07 45.65 5.23
C ALA A 533 -6.45 44.37 5.81
N LEU A 534 -5.61 43.70 5.04
CA LEU A 534 -4.83 42.58 5.55
C LEU A 534 -3.42 43.03 5.90
N ALA A 535 -3.35 43.94 6.86
CA ALA A 535 -2.05 44.43 7.33
C ALA A 535 -1.24 43.39 8.11
N PRO A 536 -1.75 42.71 9.15
CA PRO A 536 -0.86 41.83 9.92
C PRO A 536 -0.52 40.50 9.26
N LEU A 537 -0.83 40.31 7.98
CA LEU A 537 -0.30 39.20 7.20
C LEU A 537 0.70 39.66 6.15
N CYS A 538 1.09 40.93 6.19
CA CYS A 538 2.14 41.41 5.30
C CYS A 538 3.49 40.79 5.63
N ASP A 539 3.72 40.53 6.92
CA ASP A 539 4.85 39.71 7.33
C ASP A 539 4.49 38.24 7.16
N ARG A 540 5.48 37.38 7.44
CA ARG A 540 5.34 35.91 7.39
C ARG A 540 4.88 35.42 6.02
N LEU A 541 5.38 36.04 4.96
CA LEU A 541 4.99 35.61 3.62
C LEU A 541 5.65 34.31 3.19
N ASP A 542 6.63 33.82 3.93
CA ASP A 542 7.34 32.60 3.55
C ASP A 542 7.20 31.52 4.61
N GLU A 543 5.99 31.35 5.13
CA GLU A 543 5.71 30.24 6.02
C GLU A 543 5.44 28.99 5.19
N GLU A 544 5.14 27.88 5.88
CA GLU A 544 4.90 26.63 5.18
C GLU A 544 3.74 25.81 5.73
N ARG A 545 3.08 26.25 6.79
CA ARG A 545 2.01 25.45 7.36
C ARG A 545 0.75 25.57 6.52
N ASP A 546 -0.10 24.55 6.64
CA ASP A 546 -1.30 24.47 5.81
C ASP A 546 -2.32 25.52 6.22
N TRP A 547 -2.96 26.12 5.23
CA TRP A 547 -3.83 27.26 5.46
C TRP A 547 -5.30 26.90 5.35
N ALA A 548 -5.63 25.60 5.45
CA ALA A 548 -7.01 25.20 5.31
C ALA A 548 -7.83 25.55 6.54
N LYS A 549 -7.25 25.38 7.72
CA LYS A 549 -7.97 25.56 8.98
C LYS A 549 -7.36 26.64 9.86
N VAL A 550 -6.48 27.49 9.29
CA VAL A 550 -5.87 28.55 10.06
C VAL A 550 -6.63 29.87 9.87
N LEU A 551 -6.87 30.26 8.63
CA LEU A 551 -7.64 31.46 8.36
C LEU A 551 -9.12 31.22 8.62
N SER A 552 -9.84 32.30 8.83
CA SER A 552 -11.29 32.25 8.96
C SER A 552 -11.94 32.17 7.59
N PRO A 553 -13.17 31.63 7.51
CA PRO A 553 -13.91 31.71 6.25
C PRO A 553 -14.25 33.13 5.83
N GLY A 554 -14.32 34.08 6.75
CA GLY A 554 -14.44 35.47 6.36
C GLY A 554 -13.14 36.12 5.97
N GLU A 555 -12.02 35.42 6.12
CA GLU A 555 -10.74 35.92 5.66
C GLU A 555 -10.34 35.34 4.32
N GLN A 556 -11.01 34.31 3.83
CA GLN A 556 -10.67 33.72 2.55
C GLN A 556 -11.38 34.39 1.39
N GLN A 557 -12.25 35.37 1.66
CA GLN A 557 -12.89 36.11 0.59
C GLN A 557 -12.22 37.44 0.31
N ARG A 558 -11.69 38.10 1.34
CA ARG A 558 -10.93 39.32 1.09
C ARG A 558 -9.60 39.05 0.43
N VAL A 559 -9.08 37.82 0.54
CA VAL A 559 -7.87 37.48 -0.21
C VAL A 559 -8.20 37.21 -1.67
N ALA A 560 -9.45 36.87 -1.99
CA ALA A 560 -9.82 36.64 -3.39
C ALA A 560 -9.89 37.94 -4.17
N PHE A 561 -10.25 39.04 -3.50
CA PHE A 561 -10.21 40.34 -4.16
C PHE A 561 -8.78 40.80 -4.41
N ALA A 562 -7.81 40.25 -3.69
CA ALA A 562 -6.43 40.42 -4.11
C ALA A 562 -6.09 39.53 -5.29
N ARG A 563 -6.75 38.38 -5.43
CA ARG A 563 -6.50 37.55 -6.60
C ARG A 563 -7.08 38.16 -7.87
N ILE A 564 -8.14 38.96 -7.74
CA ILE A 564 -8.73 39.57 -8.93
C ILE A 564 -7.83 40.68 -9.48
N LEU A 565 -7.37 41.57 -8.60
CA LEU A 565 -6.59 42.72 -9.05
C LEU A 565 -5.19 42.34 -9.53
N LEU A 566 -4.69 41.19 -9.14
CA LEU A 566 -3.37 40.75 -9.58
C LEU A 566 -3.40 40.01 -10.91
N THR A 567 -4.57 39.88 -11.53
CA THR A 567 -4.67 39.28 -12.87
C THR A 567 -5.28 40.21 -13.90
N LYS A 568 -6.12 41.17 -13.49
CA LYS A 568 -6.77 42.20 -14.28
C LYS A 568 -7.57 41.63 -15.44
N PRO A 569 -8.70 40.97 -15.19
CA PRO A 569 -9.51 40.46 -16.29
C PRO A 569 -10.47 41.50 -16.82
N LYS A 570 -11.36 41.10 -17.74
CA LYS A 570 -12.38 41.98 -18.27
C LYS A 570 -13.78 41.42 -18.17
N ALA A 571 -13.95 40.15 -17.80
CA ALA A 571 -15.24 39.47 -17.84
C ALA A 571 -15.45 38.69 -16.55
N VAL A 572 -15.26 39.34 -15.41
CA VAL A 572 -15.28 38.64 -14.14
C VAL A 572 -16.70 38.29 -13.72
N PHE A 573 -16.92 36.99 -13.46
CA PHE A 573 -18.12 36.49 -12.80
C PHE A 573 -17.78 36.16 -11.36
N LEU A 574 -18.64 36.54 -10.42
CA LEU A 574 -18.37 36.18 -9.04
C LEU A 574 -19.67 36.01 -8.29
N ASP A 575 -19.81 34.90 -7.56
CA ASP A 575 -21.03 34.63 -6.81
C ASP A 575 -20.71 34.46 -5.34
N GLY A 576 -21.69 34.77 -4.51
CA GLY A 576 -21.49 34.82 -3.08
C GLY A 576 -20.55 35.95 -2.74
N SER A 577 -19.32 35.60 -2.37
CA SER A 577 -18.15 36.46 -2.19
C SER A 577 -18.26 37.45 -1.04
N THR A 578 -19.41 37.54 -0.37
CA THR A 578 -19.62 38.36 0.82
C THR A 578 -20.52 37.65 1.80
N SER A 579 -20.36 36.34 1.96
CA SER A 579 -21.22 35.58 2.84
C SER A 579 -20.95 35.86 4.31
N ALA A 580 -19.77 36.38 4.64
CA ALA A 580 -19.41 36.66 6.02
C ALA A 580 -19.12 38.12 6.30
N LEU A 581 -18.90 38.94 5.28
CA LEU A 581 -18.55 40.33 5.51
C LEU A 581 -19.76 41.15 5.89
N ASP A 582 -19.56 42.07 6.84
CA ASP A 582 -20.63 42.95 7.26
C ASP A 582 -20.81 44.08 6.26
N THR A 583 -21.94 44.77 6.38
CA THR A 583 -22.18 45.96 5.58
C THR A 583 -21.33 47.10 6.10
N GLY A 584 -20.65 47.80 5.19
CA GLY A 584 -19.79 48.88 5.58
C GLY A 584 -18.41 48.74 4.99
N LEU A 585 -18.01 47.50 4.75
CA LEU A 585 -16.76 47.19 4.08
C LEU A 585 -16.97 46.69 2.66
N GLU A 586 -18.19 46.25 2.34
CA GLU A 586 -18.46 45.60 1.07
C GLU A 586 -18.48 46.60 -0.07
N PHE A 587 -19.32 47.63 0.06
CA PHE A 587 -19.37 48.64 -1.00
C PHE A 587 -18.12 49.50 -1.04
N ALA A 588 -17.34 49.55 0.05
CA ALA A 588 -16.01 50.11 -0.03
C ALA A 588 -15.11 49.29 -0.96
N LEU A 589 -15.22 47.95 -0.90
CA LEU A 589 -14.47 47.10 -1.82
C LEU A 589 -14.95 47.27 -3.25
N TYR A 590 -16.26 47.46 -3.45
CA TYR A 590 -16.77 47.61 -4.81
C TYR A 590 -16.40 48.96 -5.40
N GLN A 591 -16.42 50.01 -4.57
CA GLN A 591 -15.96 51.32 -5.02
C GLN A 591 -14.44 51.38 -5.16
N LEU A 592 -13.72 50.46 -4.53
CA LEU A 592 -12.30 50.27 -4.85
C LEU A 592 -12.12 49.57 -6.19
N LEU A 593 -12.93 48.55 -6.46
CA LEU A 593 -12.81 47.79 -7.70
C LEU A 593 -13.19 48.62 -8.91
N ARG A 594 -14.22 49.47 -8.77
CA ARG A 594 -14.60 50.35 -9.86
C ARG A 594 -13.58 51.46 -10.11
N SER A 595 -12.84 51.87 -9.09
CA SER A 595 -11.91 52.98 -9.24
C SER A 595 -10.50 52.53 -9.59
N GLU A 596 -10.16 51.27 -9.37
CA GLU A 596 -8.89 50.75 -9.87
C GLU A 596 -9.01 50.11 -11.24
N LEU A 597 -10.15 49.50 -11.54
CA LEU A 597 -10.41 48.97 -12.88
C LEU A 597 -11.63 49.68 -13.45
N PRO A 598 -11.48 50.42 -14.56
CA PRO A 598 -12.62 51.23 -15.04
C PRO A 598 -13.72 50.41 -15.71
N ASP A 599 -13.37 49.45 -16.57
CA ASP A 599 -14.36 48.73 -17.37
C ASP A 599 -14.17 47.23 -17.20
N CYS A 600 -14.91 46.65 -16.27
CA CYS A 600 -15.02 45.20 -16.15
C CYS A 600 -16.48 44.84 -15.93
N ILE A 601 -16.97 43.87 -16.68
CA ILE A 601 -18.38 43.50 -16.65
C ILE A 601 -18.61 42.65 -15.40
N VAL A 602 -19.05 43.31 -14.33
CA VAL A 602 -19.28 42.65 -13.06
C VAL A 602 -20.63 41.94 -13.12
N ILE A 603 -20.62 40.63 -12.88
CA ILE A 603 -21.83 39.83 -12.84
C ILE A 603 -21.84 39.05 -11.53
N SER A 604 -22.84 39.32 -10.70
CA SER A 604 -22.87 38.81 -9.34
C SER A 604 -24.16 38.06 -9.05
N VAL A 605 -24.10 37.27 -7.98
CA VAL A 605 -25.26 36.59 -7.42
C VAL A 605 -25.28 36.91 -5.94
N SER A 606 -26.37 37.51 -5.47
CA SER A 606 -26.44 37.96 -4.09
C SER A 606 -27.86 37.82 -3.58
N HIS A 607 -27.98 37.82 -2.25
CA HIS A 607 -29.26 37.69 -1.58
C HIS A 607 -29.66 38.91 -0.79
N ARG A 608 -28.72 39.54 -0.08
CA ARG A 608 -29.04 40.71 0.72
C ARG A 608 -29.34 41.89 -0.20
N PRO A 609 -30.38 42.66 0.08
CA PRO A 609 -30.83 43.73 -0.82
C PRO A 609 -30.07 45.03 -0.68
N ALA A 610 -28.74 44.95 -0.73
CA ALA A 610 -27.89 46.12 -0.58
C ALA A 610 -26.90 46.26 -1.72
N LEU A 611 -27.01 45.44 -2.77
CA LEU A 611 -26.13 45.54 -3.92
C LEU A 611 -26.82 46.08 -5.16
N GLU A 612 -28.14 46.25 -5.12
CA GLU A 612 -28.85 46.73 -6.29
C GLU A 612 -28.63 48.20 -6.56
N ARG A 613 -28.02 48.92 -5.62
CA ARG A 613 -27.59 50.29 -5.86
C ARG A 613 -26.31 50.37 -6.68
N LEU A 614 -25.69 49.24 -7.00
CA LEU A 614 -24.44 49.21 -7.75
C LEU A 614 -24.57 48.56 -9.12
N HIS A 615 -25.78 48.16 -9.52
CA HIS A 615 -25.98 47.49 -10.79
C HIS A 615 -27.13 48.12 -11.56
N GLU A 616 -27.07 47.98 -12.88
CA GLU A 616 -28.00 48.66 -13.75
C GLU A 616 -29.06 47.77 -14.38
N ASN A 617 -28.84 46.46 -14.40
CA ASN A 617 -29.83 45.51 -14.87
C ASN A 617 -30.06 44.47 -13.79
N GLN A 618 -31.14 43.72 -13.93
CA GLN A 618 -31.45 42.71 -12.93
C GLN A 618 -32.29 41.61 -13.55
N LEU A 619 -31.88 40.36 -13.32
CA LEU A 619 -32.56 39.18 -13.83
C LEU A 619 -33.10 38.41 -12.64
N GLU A 620 -34.39 38.05 -12.69
CA GLU A 620 -35.04 37.35 -11.60
C GLU A 620 -35.58 36.02 -12.12
N LEU A 621 -35.24 34.95 -11.42
CA LEU A 621 -35.68 33.61 -11.77
C LEU A 621 -36.83 33.20 -10.85
N LEU A 622 -38.02 33.08 -11.41
CA LEU A 622 -39.17 32.68 -10.58
C LEU A 622 -39.22 31.18 -10.34
N GLY A 623 -38.36 30.40 -11.00
CA GLY A 623 -38.32 28.98 -10.76
C GLY A 623 -39.27 28.20 -11.64
N GLY A 624 -38.75 27.24 -12.39
CA GLY A 624 -39.54 26.46 -13.31
C GLY A 624 -39.47 26.91 -14.75
N GLY A 625 -38.88 28.06 -15.01
CA GLY A 625 -38.73 28.50 -16.38
C GLY A 625 -39.04 29.96 -16.60
N GLN A 626 -39.93 30.50 -15.79
CA GLN A 626 -40.34 31.90 -15.95
C GLN A 626 -39.29 32.82 -15.35
N TRP A 627 -38.68 33.63 -16.19
CA TRP A 627 -37.67 34.60 -15.78
C TRP A 627 -38.09 35.99 -16.23
N ARG A 628 -37.48 37.00 -15.63
CA ARG A 628 -37.80 38.38 -15.96
C ARG A 628 -36.54 39.23 -15.93
N LEU A 629 -36.33 40.02 -16.98
CA LEU A 629 -35.17 40.89 -17.09
C LEU A 629 -35.64 42.33 -17.09
N ALA A 630 -35.13 43.13 -16.16
CA ALA A 630 -35.59 44.49 -16.02
C ALA A 630 -34.49 45.41 -15.51
N PRO A 631 -34.49 46.68 -15.94
CA PRO A 631 -33.60 47.66 -15.30
C PRO A 631 -34.19 48.10 -13.97
N VAL A 632 -33.33 48.44 -13.02
CA VAL A 632 -33.75 48.88 -11.69
C VAL A 632 -33.78 50.40 -11.65
N GLU A 633 -34.62 50.93 -10.76
CA GLU A 633 -34.75 52.36 -10.55
C GLU A 633 -35.02 52.62 -9.07
N ALA A 634 -34.24 53.53 -8.48
CA ALA A 634 -34.32 53.94 -7.07
C ALA A 634 -34.24 52.77 -6.09
N MET B 1 34.67 -50.78 9.49
CA MET B 1 35.18 -51.11 8.18
C MET B 1 35.05 -52.61 7.90
N GLY B 2 34.14 -53.26 8.62
CA GLY B 2 33.92 -54.68 8.50
C GLY B 2 33.35 -55.09 7.16
N PRO B 3 33.67 -56.31 6.73
CA PRO B 3 33.22 -56.78 5.40
C PRO B 3 31.82 -57.38 5.43
N LYS B 4 31.06 -57.07 6.47
CA LYS B 4 29.67 -57.51 6.57
C LYS B 4 28.84 -56.90 5.45
N LEU B 5 27.71 -57.55 5.15
CA LEU B 5 26.82 -57.17 4.02
C LEU B 5 26.32 -55.72 4.09
N PHE B 6 25.68 -55.33 5.20
CA PHE B 6 25.06 -54.01 5.29
C PHE B 6 24.75 -53.74 6.75
N LYS B 7 25.20 -52.61 7.26
CA LYS B 7 24.86 -52.24 8.63
C LYS B 7 24.05 -50.96 8.62
N PRO B 8 22.75 -51.01 8.88
CA PRO B 8 21.96 -49.79 8.99
C PRO B 8 22.33 -49.04 10.26
N SER B 9 22.10 -47.73 10.26
CA SER B 9 22.46 -46.92 11.42
C SER B 9 21.54 -47.19 12.59
N ILE B 10 20.23 -46.99 12.40
CA ILE B 10 19.25 -47.28 13.43
C ILE B 10 18.48 -48.52 13.00
N ASP B 11 17.76 -49.13 13.93
CA ASP B 11 17.14 -50.42 13.68
C ASP B 11 15.97 -50.35 12.72
N TRP B 12 15.35 -49.17 12.56
CA TRP B 12 14.22 -48.84 11.68
C TRP B 12 12.91 -49.52 12.08
N SER B 13 12.97 -50.42 13.05
CA SER B 13 11.81 -50.91 13.78
C SER B 13 12.06 -50.60 15.23
N ARG B 14 10.98 -50.29 15.95
CA ARG B 14 11.04 -49.44 17.15
C ARG B 14 11.80 -48.16 16.86
N ALA B 15 11.50 -47.56 15.71
CA ALA B 15 11.99 -46.25 15.31
C ALA B 15 10.93 -45.19 15.46
N PHE B 16 9.75 -45.43 14.92
CA PHE B 16 8.60 -44.58 15.24
C PHE B 16 8.17 -44.65 16.71
N PRO B 17 8.14 -45.81 17.42
CA PRO B 17 7.86 -45.75 18.86
C PRO B 17 8.95 -45.09 19.68
N ASP B 18 10.14 -44.89 19.13
CA ASP B 18 11.17 -44.15 19.84
C ASP B 18 11.25 -42.69 19.44
N SER B 19 10.77 -42.33 18.26
CA SER B 19 10.81 -40.94 17.82
C SER B 19 9.60 -40.14 18.24
N VAL B 20 8.70 -40.74 19.02
CA VAL B 20 7.65 -39.96 19.67
C VAL B 20 8.11 -39.48 21.05
N TYR B 21 8.94 -40.27 21.73
CA TYR B 21 9.41 -39.94 23.06
C TYR B 21 10.38 -38.76 23.03
N TRP B 22 11.17 -38.64 21.97
CA TRP B 22 12.08 -37.53 21.83
C TRP B 22 11.35 -36.22 21.58
N VAL B 23 10.22 -36.27 20.88
CA VAL B 23 9.40 -35.07 20.70
C VAL B 23 8.82 -34.61 22.03
N GLY B 24 8.31 -35.55 22.82
CA GLY B 24 7.80 -35.22 24.14
C GLY B 24 8.85 -34.73 25.10
N LYS B 25 10.10 -35.15 24.91
CA LYS B 25 11.17 -34.61 25.74
C LYS B 25 11.64 -33.25 25.27
N ALA B 26 11.58 -32.98 23.96
CA ALA B 26 12.10 -31.73 23.43
C ALA B 26 11.04 -30.64 23.29
N TRP B 27 9.79 -30.92 23.61
CA TRP B 27 8.78 -29.87 23.61
C TRP B 27 8.83 -28.99 24.85
N THR B 28 8.77 -29.61 26.03
CA THR B 28 8.63 -28.86 27.28
C THR B 28 9.90 -28.12 27.63
N ILE B 29 11.06 -28.76 27.44
CA ILE B 29 12.34 -28.12 27.72
C ILE B 29 12.66 -27.01 26.74
N SER B 30 11.95 -26.94 25.62
CA SER B 30 12.05 -25.77 24.75
C SER B 30 11.12 -24.66 25.21
N ALA B 31 9.87 -25.01 25.54
CA ALA B 31 8.88 -23.99 25.87
C ALA B 31 9.19 -23.26 27.17
N ILE B 32 9.62 -23.99 28.20
CA ILE B 32 9.86 -23.37 29.51
C ILE B 32 11.14 -22.56 29.55
N CYS B 33 11.91 -22.51 28.47
CA CYS B 33 13.00 -21.56 28.34
C CYS B 33 12.71 -20.48 27.30
N VAL B 34 11.85 -20.77 26.31
CA VAL B 34 11.46 -19.73 25.34
C VAL B 34 10.63 -18.65 26.01
N LEU B 35 9.75 -19.04 26.95
CA LEU B 35 9.06 -18.02 27.73
C LEU B 35 10.02 -17.19 28.58
N ALA B 36 11.08 -17.79 29.12
CA ALA B 36 12.06 -17.03 29.88
C ALA B 36 12.83 -16.06 29.00
N ILE B 37 13.23 -16.48 27.80
CA ILE B 37 14.00 -15.60 26.93
C ILE B 37 13.13 -14.55 26.25
N LEU B 38 11.81 -14.73 26.25
CA LEU B 38 10.97 -13.62 25.83
C LEU B 38 10.73 -12.61 26.97
N VAL B 39 10.50 -13.10 28.18
CA VAL B 39 10.29 -12.21 29.32
C VAL B 39 11.55 -11.41 29.62
N LEU B 40 12.72 -12.00 29.42
CA LEU B 40 13.96 -11.24 29.52
C LEU B 40 14.14 -10.25 28.36
N LEU B 41 13.48 -10.45 27.22
CA LEU B 41 13.53 -9.45 26.16
C LEU B 41 12.58 -8.29 26.34
N ARG B 42 11.47 -8.47 27.06
CA ARG B 42 10.52 -7.37 27.23
C ARG B 42 11.11 -6.23 28.06
N TYR B 43 11.93 -6.56 29.05
CA TYR B 43 12.35 -5.53 30.02
C TYR B 43 13.55 -4.74 29.53
N LEU B 44 14.55 -5.40 28.95
CA LEU B 44 15.87 -4.79 28.80
C LEU B 44 16.24 -4.50 27.35
N THR B 45 15.26 -4.30 26.47
CA THR B 45 15.56 -3.99 25.09
C THR B 45 14.64 -2.87 24.60
N PRO B 46 15.19 -1.81 24.01
CA PRO B 46 14.38 -0.63 23.70
C PRO B 46 13.55 -0.78 22.44
N TRP B 47 13.79 -1.79 21.61
CA TRP B 47 12.86 -2.06 20.53
C TRP B 47 11.76 -3.02 20.94
N GLY B 48 11.89 -3.64 22.11
CA GLY B 48 10.89 -4.58 22.56
C GLY B 48 10.09 -4.04 23.73
N ARG B 49 10.64 -3.01 24.38
CA ARG B 49 9.87 -2.32 25.41
C ARG B 49 8.68 -1.60 24.81
N GLN B 50 8.86 -1.04 23.61
CA GLN B 50 7.75 -0.41 22.91
C GLN B 50 6.83 -1.42 22.27
N PHE B 51 7.18 -2.70 22.26
CA PHE B 51 6.29 -3.69 21.67
C PHE B 51 5.13 -4.02 22.60
N TRP B 52 5.38 -4.11 23.90
CA TRP B 52 4.32 -4.56 24.79
C TRP B 52 3.28 -3.48 25.02
N ARG B 53 3.66 -2.21 24.90
CA ARG B 53 2.69 -1.14 25.07
C ARG B 53 1.70 -1.10 23.90
N ILE B 54 2.09 -1.59 22.72
CA ILE B 54 1.20 -1.56 21.57
C ILE B 54 0.09 -2.59 21.72
N THR B 55 0.44 -3.82 22.05
CA THR B 55 -0.49 -4.95 22.00
C THR B 55 -0.57 -5.66 23.33
N ARG B 56 -0.80 -4.89 24.40
CA ARG B 56 -0.77 -5.43 25.76
C ARG B 56 -1.94 -6.36 26.02
N ALA B 57 -3.17 -5.84 25.93
CA ALA B 57 -4.32 -6.52 26.52
C ALA B 57 -4.75 -7.77 25.78
N TYR B 58 -4.17 -8.08 24.63
CA TYR B 58 -4.53 -9.30 23.91
C TYR B 58 -3.90 -10.54 24.51
N PHE B 59 -2.95 -10.39 25.43
CA PHE B 59 -2.23 -11.54 25.96
C PHE B 59 -2.45 -11.81 27.45
N VAL B 60 -3.00 -10.85 28.19
CA VAL B 60 -3.35 -11.07 29.58
C VAL B 60 -4.88 -11.01 29.69
N GLY B 61 -5.38 -11.24 30.89
CA GLY B 61 -6.80 -11.19 31.11
C GLY B 61 -7.46 -12.52 30.80
N PRO B 62 -8.79 -12.57 30.89
CA PRO B 62 -9.49 -13.85 30.82
C PRO B 62 -9.61 -14.43 29.42
N ASN B 63 -9.69 -13.56 28.40
CA ASN B 63 -9.93 -14.02 27.05
C ASN B 63 -8.69 -14.62 26.39
N SER B 64 -7.51 -14.41 26.97
CA SER B 64 -6.28 -14.91 26.36
C SER B 64 -5.99 -16.37 26.70
N VAL B 65 -6.98 -17.14 27.17
CA VAL B 65 -6.78 -18.57 27.38
C VAL B 65 -6.90 -19.35 26.08
N ARG B 66 -7.38 -18.72 25.01
CA ARG B 66 -7.45 -19.36 23.71
C ARG B 66 -6.27 -19.01 22.82
N VAL B 67 -5.63 -17.86 23.02
CA VAL B 67 -4.54 -17.46 22.15
C VAL B 67 -3.29 -18.29 22.45
N TRP B 68 -3.02 -18.55 23.73
CA TRP B 68 -1.88 -19.39 24.09
C TRP B 68 -2.07 -20.83 23.62
N LEU B 69 -3.30 -21.32 23.62
CA LEU B 69 -3.54 -22.69 23.16
C LEU B 69 -3.41 -22.78 21.66
N MET B 70 -3.72 -21.70 20.94
CA MET B 70 -3.42 -21.68 19.50
C MET B 70 -1.93 -21.57 19.26
N LEU B 71 -1.22 -20.87 20.14
CA LEU B 71 0.21 -20.67 19.96
C LEU B 71 0.99 -21.93 20.28
N GLY B 72 0.50 -22.75 21.20
CA GLY B 72 1.27 -23.91 21.65
C GLY B 72 1.33 -25.05 20.65
N VAL B 73 0.48 -25.02 19.62
CA VAL B 73 0.52 -26.08 18.63
C VAL B 73 1.62 -25.81 17.60
N LEU B 74 1.96 -24.54 17.38
CA LEU B 74 2.96 -24.22 16.37
C LEU B 74 4.37 -24.59 16.81
N LEU B 75 4.63 -24.70 18.11
CA LEU B 75 5.91 -25.24 18.56
C LEU B 75 6.03 -26.72 18.24
N LEU B 76 4.94 -27.47 18.41
CA LEU B 76 4.89 -28.86 17.98
C LEU B 76 5.10 -28.99 16.49
N SER B 77 4.52 -28.09 15.71
CA SER B 77 4.67 -28.10 14.26
C SER B 77 5.99 -27.48 13.79
N VAL B 78 6.97 -27.32 14.68
CA VAL B 78 8.33 -26.98 14.33
C VAL B 78 9.32 -28.05 14.80
N VAL B 79 9.11 -28.57 16.02
CA VAL B 79 9.84 -29.74 16.46
C VAL B 79 9.58 -30.94 15.55
N LEU B 80 8.36 -31.06 15.02
CA LEU B 80 8.05 -32.12 14.07
C LEU B 80 8.72 -31.90 12.73
N ALA B 81 9.20 -30.70 12.45
CA ALA B 81 9.98 -30.45 11.24
C ALA B 81 11.45 -30.73 11.43
N VAL B 82 12.01 -30.47 12.61
CA VAL B 82 13.41 -30.78 12.86
C VAL B 82 13.63 -32.30 12.98
N ARG B 83 12.66 -33.01 13.56
CA ARG B 83 12.81 -34.46 13.72
C ARG B 83 12.78 -35.19 12.38
N LEU B 84 12.13 -34.64 11.36
CA LEU B 84 12.24 -35.26 10.05
C LEU B 84 13.59 -34.99 9.40
N ASN B 85 14.15 -33.80 9.61
CA ASN B 85 15.43 -33.48 8.99
C ASN B 85 16.59 -34.22 9.62
N VAL B 86 16.45 -34.70 10.86
CA VAL B 86 17.49 -35.59 11.38
C VAL B 86 17.48 -36.92 10.62
N LEU B 87 16.30 -37.52 10.45
CA LEU B 87 16.24 -38.81 9.78
C LEU B 87 16.47 -38.74 8.28
N PHE B 88 16.31 -37.56 7.65
CA PHE B 88 16.74 -37.44 6.25
C PHE B 88 18.24 -37.54 6.08
N SER B 89 19.03 -37.30 7.12
CA SER B 89 20.46 -37.55 7.02
C SER B 89 20.83 -38.96 7.40
N TYR B 90 20.16 -39.50 8.43
CA TYR B 90 20.35 -40.91 8.80
C TYR B 90 19.89 -41.87 7.72
N GLN B 91 18.97 -41.47 6.85
CA GLN B 91 18.66 -42.29 5.68
C GLN B 91 19.75 -42.17 4.63
N GLY B 92 20.19 -40.94 4.34
CA GLY B 92 21.13 -40.71 3.26
C GLY B 92 22.52 -41.23 3.52
N ASN B 93 22.84 -41.58 4.77
CA ASN B 93 24.09 -42.28 5.02
C ASN B 93 24.12 -43.68 4.39
N ASP B 94 22.97 -44.37 4.37
CA ASP B 94 22.95 -45.78 4.01
C ASP B 94 23.14 -46.03 2.54
N MET B 95 22.75 -45.10 1.67
CA MET B 95 22.99 -45.24 0.24
C MET B 95 24.48 -45.29 -0.06
N TYR B 96 25.23 -44.32 0.47
CA TYR B 96 26.66 -44.30 0.26
C TYR B 96 27.39 -45.34 1.10
N THR B 97 26.74 -45.93 2.10
CA THR B 97 27.37 -47.11 2.68
C THR B 97 27.20 -48.34 1.80
N ALA B 98 26.00 -48.57 1.24
CA ALA B 98 25.76 -49.78 0.47
C ALA B 98 26.42 -49.74 -0.90
N LEU B 99 26.57 -48.56 -1.49
CA LEU B 99 27.13 -48.46 -2.83
C LEU B 99 28.64 -48.63 -2.87
N GLN B 100 29.30 -48.81 -1.73
CA GLN B 100 30.70 -49.20 -1.70
C GLN B 100 30.87 -50.70 -1.74
N LYS B 101 30.05 -51.42 -0.96
CA LYS B 101 30.04 -52.87 -1.03
C LYS B 101 29.58 -53.36 -2.40
N ALA B 102 28.55 -52.71 -2.96
CA ALA B 102 28.07 -53.10 -4.28
C ALA B 102 29.07 -52.82 -5.39
N PHE B 103 30.00 -51.89 -5.18
CA PHE B 103 31.07 -51.66 -6.14
C PHE B 103 32.18 -52.70 -5.97
N GLU B 104 32.74 -52.78 -4.77
CA GLU B 104 33.95 -53.58 -4.60
C GLU B 104 33.67 -55.08 -4.62
N GLY B 105 32.42 -55.50 -4.49
CA GLY B 105 32.10 -56.90 -4.72
C GLY B 105 32.21 -57.31 -6.17
N ILE B 106 32.10 -56.36 -7.09
CA ILE B 106 32.28 -56.68 -8.50
C ILE B 106 33.75 -56.87 -8.82
N ALA B 107 34.61 -55.98 -8.32
CA ALA B 107 36.02 -56.06 -8.66
C ALA B 107 36.76 -57.11 -7.84
N SER B 108 36.29 -57.42 -6.63
CA SER B 108 36.97 -58.42 -5.82
C SER B 108 36.63 -59.84 -6.24
N GLY B 109 35.58 -60.04 -7.01
CA GLY B 109 35.16 -61.36 -7.41
C GLY B 109 34.19 -62.02 -6.46
N ASP B 110 33.71 -61.31 -5.45
CA ASP B 110 32.79 -61.89 -4.47
C ASP B 110 31.40 -62.04 -5.07
N GLY B 111 30.68 -63.06 -4.62
CA GLY B 111 29.34 -63.30 -5.07
C GLY B 111 28.31 -63.33 -3.97
N THR B 112 28.76 -63.12 -2.73
CA THR B 112 27.86 -63.09 -1.59
C THR B 112 27.84 -61.76 -0.84
N VAL B 113 28.67 -60.79 -1.22
CA VAL B 113 28.49 -59.44 -0.71
C VAL B 113 27.92 -58.51 -1.77
N LYS B 114 28.07 -58.84 -3.06
CA LYS B 114 27.39 -58.07 -4.09
C LYS B 114 25.90 -58.34 -4.05
N ARG B 115 25.52 -59.61 -3.87
CA ARG B 115 24.11 -59.97 -3.72
C ARG B 115 23.52 -59.43 -2.43
N SER B 116 24.35 -59.24 -1.42
CA SER B 116 23.90 -58.79 -0.11
C SER B 116 24.34 -57.37 0.20
N GLY B 117 24.84 -56.65 -0.80
CA GLY B 117 25.04 -55.23 -0.65
C GLY B 117 23.97 -54.47 -1.39
N VAL B 118 23.38 -55.11 -2.41
CA VAL B 118 22.32 -54.46 -3.16
C VAL B 118 20.99 -54.55 -2.44
N ARG B 119 20.86 -55.45 -1.47
CA ARG B 119 19.63 -55.53 -0.68
C ARG B 119 19.48 -54.31 0.22
N GLY B 120 20.57 -53.63 0.54
CA GLY B 120 20.46 -52.37 1.25
C GLY B 120 19.94 -51.25 0.36
N PHE B 121 20.25 -51.29 -0.93
CA PHE B 121 19.77 -50.24 -1.82
C PHE B 121 18.27 -50.31 -2.03
N TRP B 122 17.69 -51.50 -1.98
CA TRP B 122 16.25 -51.64 -2.02
C TRP B 122 15.62 -51.58 -0.63
N MET B 123 16.41 -51.20 0.38
CA MET B 123 15.91 -50.85 1.69
C MET B 123 15.85 -49.35 1.90
N SER B 124 16.83 -48.62 1.37
CA SER B 124 16.90 -47.18 1.59
C SER B 124 15.95 -46.39 0.70
N ILE B 125 15.27 -47.03 -0.24
CA ILE B 125 14.21 -46.36 -0.99
C ILE B 125 12.91 -46.63 -0.24
N GLY B 126 12.86 -47.75 0.47
CA GLY B 126 11.72 -48.08 1.30
C GLY B 126 11.51 -47.12 2.46
N VAL B 127 12.56 -46.42 2.89
CA VAL B 127 12.39 -45.35 3.85
C VAL B 127 11.98 -44.04 3.17
N PHE B 128 12.45 -43.81 1.94
CA PHE B 128 12.14 -42.59 1.20
C PHE B 128 10.75 -42.60 0.59
N SER B 129 9.92 -43.58 0.91
CA SER B 129 8.53 -43.56 0.49
C SER B 129 7.56 -43.30 1.61
N VAL B 130 7.97 -43.43 2.87
CA VAL B 130 7.11 -43.09 4.00
C VAL B 130 7.60 -41.83 4.71
N MET B 131 8.87 -41.49 4.61
CA MET B 131 9.36 -40.21 5.10
C MET B 131 9.19 -39.08 4.09
N ALA B 132 8.45 -39.31 3.02
CA ALA B 132 8.15 -38.27 2.05
C ALA B 132 6.67 -37.98 1.93
N VAL B 133 5.81 -38.80 2.52
CA VAL B 133 4.40 -38.44 2.63
C VAL B 133 4.17 -37.56 3.85
N LEU B 134 4.89 -37.85 4.94
CA LEU B 134 4.79 -37.03 6.14
C LEU B 134 5.37 -35.64 5.96
N HIS B 135 6.26 -35.44 4.99
CA HIS B 135 6.73 -34.08 4.70
C HIS B 135 5.69 -33.30 3.93
N VAL B 136 4.92 -33.95 3.07
CA VAL B 136 3.92 -33.23 2.29
C VAL B 136 2.68 -32.95 3.13
N THR B 137 2.25 -33.91 3.94
CA THR B 137 1.05 -33.66 4.74
C THR B 137 1.31 -32.79 5.96
N ARG B 138 2.55 -32.36 6.19
CA ARG B 138 2.82 -31.42 7.27
C ARG B 138 2.72 -29.98 6.82
N VAL B 139 3.30 -29.66 5.66
CA VAL B 139 3.33 -28.27 5.19
C VAL B 139 1.93 -27.80 4.83
N MET B 140 1.14 -28.66 4.19
CA MET B 140 -0.24 -28.29 3.89
C MET B 140 -1.13 -28.29 5.12
N ALA B 141 -0.69 -28.86 6.24
CA ALA B 141 -1.37 -28.71 7.51
C ALA B 141 -0.75 -27.61 8.36
N ASP B 142 0.07 -26.78 7.75
CA ASP B 142 0.73 -25.69 8.43
C ASP B 142 0.38 -24.33 7.85
N ILE B 143 0.12 -24.26 6.55
CA ILE B 143 -0.35 -23.01 5.94
C ILE B 143 -1.74 -22.67 6.46
N TYR B 144 -2.58 -23.68 6.69
CA TYR B 144 -3.93 -23.40 7.14
C TYR B 144 -3.95 -22.94 8.58
N LEU B 145 -3.03 -23.42 9.40
CA LEU B 145 -3.08 -23.08 10.82
C LEU B 145 -2.55 -21.68 11.09
N THR B 146 -1.42 -21.31 10.49
CA THR B 146 -0.86 -19.99 10.73
C THR B 146 -1.53 -18.89 9.93
N GLN B 147 -2.50 -19.22 9.08
CA GLN B 147 -3.32 -18.21 8.42
C GLN B 147 -4.60 -17.91 9.17
N ARG B 148 -4.87 -18.64 10.26
CA ARG B 148 -6.01 -18.33 11.09
C ARG B 148 -5.59 -17.82 12.45
N PHE B 149 -4.32 -17.47 12.63
CA PHE B 149 -3.89 -16.79 13.84
C PHE B 149 -3.70 -15.31 13.63
N ILE B 150 -3.09 -14.89 12.51
CA ILE B 150 -2.86 -13.46 12.33
C ILE B 150 -4.12 -12.74 11.87
N ILE B 151 -5.13 -13.46 11.40
CA ILE B 151 -6.42 -12.82 11.10
C ILE B 151 -7.08 -12.38 12.40
N ALA B 152 -7.08 -13.25 13.41
CA ALA B 152 -7.65 -12.88 14.70
C ALA B 152 -6.74 -11.97 15.50
N TRP B 153 -5.54 -11.68 15.01
CA TRP B 153 -4.74 -10.60 15.57
C TRP B 153 -5.04 -9.28 14.90
N ARG B 154 -5.16 -9.29 13.57
CA ARG B 154 -5.42 -8.05 12.84
C ARG B 154 -6.81 -7.52 13.14
N VAL B 155 -7.81 -8.39 13.15
CA VAL B 155 -9.20 -7.95 13.33
C VAL B 155 -9.48 -7.48 14.75
N TRP B 156 -8.57 -7.74 15.68
CA TRP B 156 -8.66 -7.13 16.99
C TRP B 156 -7.79 -5.89 17.13
N LEU B 157 -6.61 -5.87 16.53
CA LEU B 157 -5.72 -4.72 16.71
C LEU B 157 -6.25 -3.49 15.98
N THR B 158 -6.77 -3.67 14.78
CA THR B 158 -7.29 -2.51 14.06
C THR B 158 -8.63 -2.03 14.59
N HIS B 159 -9.23 -2.75 15.54
CA HIS B 159 -10.34 -2.25 16.32
C HIS B 159 -9.89 -1.62 17.62
N HIS B 160 -8.80 -2.10 18.21
CA HIS B 160 -8.30 -1.53 19.44
C HIS B 160 -7.70 -0.15 19.22
N LEU B 161 -7.08 0.07 18.05
CA LEU B 161 -6.42 1.35 17.84
C LEU B 161 -7.40 2.47 17.50
N THR B 162 -8.46 2.17 16.76
CA THR B 162 -9.39 3.20 16.34
C THR B 162 -10.19 3.74 17.53
N GLN B 163 -10.60 2.85 18.44
CA GLN B 163 -11.36 3.27 19.62
C GLN B 163 -10.52 4.13 20.56
N ASP B 164 -9.21 3.97 20.54
CA ASP B 164 -8.35 4.86 21.29
C ASP B 164 -8.05 6.15 20.52
N TRP B 165 -8.17 6.13 19.19
CA TRP B 165 -7.92 7.35 18.43
C TRP B 165 -8.99 8.40 18.69
N LEU B 166 -10.25 8.04 18.51
CA LEU B 166 -11.34 9.01 18.65
C LEU B 166 -12.11 8.85 19.96
N ASP B 167 -11.41 8.54 21.05
CA ASP B 167 -12.08 8.44 22.33
C ASP B 167 -12.34 9.81 22.93
N GLY B 168 -11.29 10.55 23.24
CA GLY B 168 -11.42 11.74 24.05
C GLY B 168 -11.20 13.04 23.33
N ARG B 169 -11.79 13.17 22.13
CA ARG B 169 -11.58 14.29 21.21
C ARG B 169 -10.10 14.47 20.87
N ALA B 170 -9.40 13.34 20.74
CA ALA B 170 -7.99 13.36 20.42
C ALA B 170 -7.72 13.36 18.94
N TYR B 171 -8.75 13.37 18.11
CA TYR B 171 -8.58 13.51 16.67
C TYR B 171 -8.49 14.96 16.23
N TYR B 172 -8.75 15.89 17.14
CA TYR B 172 -8.60 17.31 16.87
C TYR B 172 -7.48 17.96 17.65
N ARG B 173 -7.25 17.53 18.89
CA ARG B 173 -6.24 18.18 19.73
C ARG B 173 -4.82 17.78 19.38
N ASP B 174 -4.62 16.87 18.44
CA ASP B 174 -3.26 16.49 18.07
C ASP B 174 -2.56 17.53 17.21
N LEU B 175 -3.28 18.52 16.71
CA LEU B 175 -2.67 19.56 15.90
C LEU B 175 -2.06 20.68 16.73
N PHE B 176 -2.14 20.59 18.05
CA PHE B 176 -1.56 21.59 18.93
C PHE B 176 -0.46 21.04 19.82
N ILE B 177 -0.12 19.76 19.70
CA ILE B 177 0.95 19.17 20.49
C ILE B 177 2.30 19.57 19.90
N ASP B 178 3.38 19.31 20.63
CA ASP B 178 4.67 19.88 20.27
C ASP B 178 5.32 19.15 19.11
N GLU B 179 5.67 17.88 19.29
CA GLU B 179 6.28 17.09 18.24
C GLU B 179 5.14 16.45 17.45
N THR B 180 4.65 17.18 16.45
CA THR B 180 3.47 16.75 15.72
C THR B 180 3.77 15.55 14.83
N ILE B 181 2.79 14.67 14.69
CA ILE B 181 2.89 13.54 13.81
C ILE B 181 2.01 13.79 12.60
N ASP B 182 2.16 12.97 11.58
CA ASP B 182 1.52 13.22 10.31
C ASP B 182 0.78 11.98 9.81
N ASN B 183 -0.20 12.25 8.93
CA ASN B 183 -1.11 11.40 8.16
C ASN B 183 -1.50 10.10 8.86
N PRO B 184 -2.32 10.16 9.91
CA PRO B 184 -2.72 8.94 10.61
C PRO B 184 -3.73 8.07 9.87
N ASP B 185 -4.00 8.32 8.59
CA ASP B 185 -4.75 7.36 7.81
C ASP B 185 -3.93 6.14 7.45
N GLN B 186 -2.60 6.25 7.45
CA GLN B 186 -1.76 5.14 7.04
C GLN B 186 -1.40 4.22 8.20
N ARG B 187 -1.36 4.73 9.41
CA ARG B 187 -1.00 3.90 10.54
C ARG B 187 -2.10 2.94 10.97
N ILE B 188 -3.28 2.97 10.33
CA ILE B 188 -4.36 2.05 10.65
C ILE B 188 -4.68 1.13 9.49
N GLN B 189 -4.70 1.65 8.27
CA GLN B 189 -5.07 0.83 7.12
C GLN B 189 -3.91 -0.03 6.64
N GLN B 190 -2.70 0.51 6.64
CA GLN B 190 -1.54 -0.15 6.05
C GLN B 190 -0.60 -0.74 7.07
N ASP B 191 -0.13 0.06 8.03
CA ASP B 191 0.95 -0.35 8.92
C ASP B 191 0.46 -1.12 10.13
N VAL B 192 -0.77 -1.61 10.13
CA VAL B 192 -1.14 -2.65 11.07
C VAL B 192 -0.94 -4.02 10.43
N ASP B 193 -0.92 -4.09 9.09
CA ASP B 193 -0.71 -5.35 8.40
C ASP B 193 0.73 -5.82 8.49
N ILE B 194 1.69 -4.92 8.30
CA ILE B 194 3.10 -5.30 8.36
C ILE B 194 3.50 -5.64 9.79
N PHE B 195 2.95 -4.93 10.76
CA PHE B 195 3.29 -5.19 12.16
C PHE B 195 2.72 -6.52 12.65
N THR B 196 1.57 -6.94 12.12
CA THR B 196 0.97 -8.18 12.58
C THR B 196 1.30 -9.37 11.69
N ALA B 197 1.87 -9.15 10.51
CA ALA B 197 2.30 -10.26 9.67
C ALA B 197 3.67 -10.78 10.04
N GLY B 198 4.56 -9.90 10.48
CA GLY B 198 5.86 -10.32 11.00
C GLY B 198 6.85 -10.77 9.96
N ALA B 199 6.51 -10.67 8.68
CA ALA B 199 7.39 -11.23 7.65
C ALA B 199 8.54 -10.29 7.34
N GLY B 200 8.22 -9.14 6.76
CA GLY B 200 9.24 -8.20 6.36
C GLY B 200 8.77 -6.77 6.50
N GLY B 201 8.95 -5.99 5.44
CA GLY B 201 8.29 -4.72 5.33
C GLY B 201 7.16 -4.82 4.33
N THR B 202 6.71 -6.05 4.09
CA THR B 202 5.69 -6.34 3.09
C THR B 202 4.43 -6.90 3.76
N PRO B 203 3.25 -6.58 3.24
CA PRO B 203 2.02 -7.14 3.81
C PRO B 203 1.91 -8.63 3.56
N ASN B 204 1.05 -9.28 4.32
CA ASN B 204 0.94 -10.73 4.21
C ASN B 204 0.12 -11.11 2.99
N ALA B 205 0.44 -12.26 2.43
CA ALA B 205 -0.20 -12.87 1.28
C ALA B 205 -0.39 -14.35 1.60
N PRO B 206 -1.46 -14.98 1.12
CA PRO B 206 -1.81 -16.31 1.63
C PRO B 206 -0.92 -17.46 1.16
N SER B 207 0.38 -17.33 1.38
CA SER B 207 1.28 -18.47 1.28
C SER B 207 2.40 -18.42 2.32
N ASN B 208 2.34 -17.49 3.27
CA ASN B 208 3.35 -17.41 4.31
C ASN B 208 3.15 -18.54 5.30
N GLY B 209 4.11 -19.46 5.33
CA GLY B 209 4.10 -20.53 6.30
C GLY B 209 4.83 -20.15 7.56
N THR B 210 5.16 -21.16 8.36
CA THR B 210 5.91 -20.94 9.58
C THR B 210 7.37 -20.60 9.29
N ALA B 211 7.90 -21.06 8.18
CA ALA B 211 9.30 -20.87 7.85
C ALA B 211 9.62 -19.48 7.30
N SER B 212 8.66 -18.57 7.25
CA SER B 212 8.89 -17.22 6.76
C SER B 212 8.30 -16.20 7.73
N THR B 213 8.59 -16.39 9.01
CA THR B 213 8.11 -15.49 10.04
C THR B 213 9.24 -15.28 11.03
N LEU B 214 9.48 -14.01 11.39
CA LEU B 214 10.70 -13.65 12.13
C LEU B 214 10.76 -14.21 13.52
N LEU B 215 9.63 -14.55 14.13
CA LEU B 215 9.72 -15.20 15.43
C LEU B 215 9.95 -16.70 15.27
N PHE B 216 9.17 -17.35 14.43
CA PHE B 216 9.27 -18.79 14.28
C PHE B 216 10.31 -19.21 13.25
N GLY B 217 11.00 -18.26 12.65
CA GLY B 217 12.18 -18.60 11.89
C GLY B 217 13.43 -18.64 12.73
N ALA B 218 13.31 -18.34 14.02
CA ALA B 218 14.44 -18.34 14.94
C ALA B 218 14.45 -19.55 15.86
N VAL B 219 13.29 -19.91 16.43
CA VAL B 219 13.21 -21.10 17.26
C VAL B 219 13.40 -22.36 16.43
N GLN B 220 12.99 -22.33 15.16
CA GLN B 220 13.34 -23.39 14.23
C GLN B 220 14.83 -23.39 13.91
N SER B 221 15.53 -22.28 14.09
CA SER B 221 16.96 -22.22 13.82
C SER B 221 17.78 -22.15 15.08
N ILE B 222 17.24 -22.60 16.21
CA ILE B 222 17.99 -22.82 17.43
C ILE B 222 17.91 -24.26 17.89
N ILE B 223 16.72 -24.86 17.82
CA ILE B 223 16.56 -26.29 18.02
C ILE B 223 17.33 -27.08 16.98
N SER B 224 17.38 -26.60 15.75
CA SER B 224 18.11 -27.30 14.69
C SER B 224 19.61 -27.06 14.73
N VAL B 225 20.16 -26.52 15.82
CA VAL B 225 21.59 -26.49 16.06
C VAL B 225 21.97 -27.38 17.23
N ILE B 226 21.13 -27.43 18.26
CA ILE B 226 21.36 -28.33 19.38
C ILE B 226 21.19 -29.78 18.95
N SER B 227 20.23 -30.05 18.06
CA SER B 227 19.98 -31.41 17.63
C SER B 227 21.05 -31.93 16.67
N PHE B 228 21.64 -31.05 15.86
CA PHE B 228 22.62 -31.44 14.85
C PHE B 228 24.06 -31.24 15.30
N THR B 229 24.35 -31.25 16.60
CA THR B 229 25.72 -31.12 17.06
C THR B 229 26.25 -32.38 17.69
N ALA B 230 25.41 -33.36 17.98
CA ALA B 230 25.88 -34.61 18.54
C ALA B 230 26.42 -35.56 17.48
N ILE B 231 26.29 -35.20 16.21
CA ILE B 231 26.74 -36.05 15.12
C ILE B 231 28.12 -35.65 14.64
N LEU B 232 28.34 -34.35 14.43
CA LEU B 232 29.63 -33.90 13.93
C LEU B 232 30.70 -33.94 15.01
N TRP B 233 30.31 -33.92 16.29
CA TRP B 233 31.29 -33.82 17.37
C TRP B 233 32.08 -35.09 17.54
N ASN B 234 31.52 -36.24 17.17
CA ASN B 234 32.25 -37.50 17.18
C ASN B 234 32.63 -37.93 15.77
N LEU B 235 32.86 -36.97 14.87
CA LEU B 235 33.21 -37.27 13.50
C LEU B 235 34.41 -36.50 12.97
N SER B 236 34.78 -35.37 13.57
CA SER B 236 35.87 -34.58 13.02
C SER B 236 37.21 -35.24 13.33
N GLY B 237 38.25 -34.75 12.66
CA GLY B 237 39.59 -35.25 12.84
C GLY B 237 40.48 -34.27 13.59
N THR B 238 41.74 -34.67 13.75
CA THR B 238 42.74 -33.86 14.45
C THR B 238 43.69 -33.30 13.41
N LEU B 239 43.31 -32.17 12.82
CA LEU B 239 44.07 -31.59 11.72
C LEU B 239 45.30 -30.89 12.28
N ASN B 240 46.47 -31.48 12.06
CA ASN B 240 47.73 -30.96 12.58
C ASN B 240 48.34 -30.02 11.54
N ILE B 241 47.93 -28.76 11.60
CA ILE B 241 48.53 -27.70 10.79
C ILE B 241 49.82 -27.27 11.46
N PHE B 242 50.63 -26.48 10.76
CA PHE B 242 51.89 -25.97 11.29
C PHE B 242 51.65 -25.14 12.55
N GLY B 243 52.54 -25.32 13.51
CA GLY B 243 52.39 -24.66 14.81
C GLY B 243 51.67 -25.57 15.79
N VAL B 244 50.48 -25.14 16.23
CA VAL B 244 49.72 -25.87 17.23
C VAL B 244 48.93 -26.99 16.56
N SER B 245 48.37 -27.89 17.36
CA SER B 245 47.67 -29.08 16.88
C SER B 245 46.24 -29.05 17.41
N ILE B 246 45.28 -28.84 16.52
CA ILE B 246 43.88 -28.67 16.93
C ILE B 246 43.29 -30.04 17.24
N PRO B 247 42.59 -30.20 18.37
CA PRO B 247 42.00 -31.52 18.66
C PRO B 247 40.80 -31.87 17.81
N ARG B 248 39.86 -30.94 17.60
CA ARG B 248 38.69 -31.19 16.75
C ARG B 248 38.50 -29.96 15.88
N ALA B 249 38.96 -30.04 14.64
CA ALA B 249 39.12 -28.84 13.82
C ALA B 249 37.83 -28.43 13.13
N MET B 250 37.04 -29.40 12.64
CA MET B 250 35.90 -29.06 11.81
C MET B 250 34.79 -28.42 12.62
N PHE B 251 34.58 -28.87 13.85
CA PHE B 251 33.52 -28.29 14.67
C PHE B 251 33.90 -26.90 15.18
N TRP B 252 35.18 -26.67 15.45
CA TRP B 252 35.59 -25.39 15.99
C TRP B 252 36.03 -24.39 14.92
N THR B 253 36.06 -24.79 13.66
CA THR B 253 36.40 -23.82 12.62
C THR B 253 35.19 -22.99 12.21
N VAL B 254 34.04 -23.63 12.05
CA VAL B 254 32.83 -22.93 11.63
C VAL B 254 32.35 -21.97 12.71
N LEU B 255 32.63 -22.28 13.98
CA LEU B 255 32.17 -21.43 15.07
C LEU B 255 32.92 -20.11 15.14
N VAL B 256 34.19 -20.08 14.73
CA VAL B 256 34.89 -18.82 14.63
C VAL B 256 34.76 -18.23 13.24
N TYR B 257 34.30 -19.01 12.25
CA TYR B 257 34.11 -18.47 10.92
C TYR B 257 32.82 -17.69 10.79
N VAL B 258 31.77 -18.12 11.48
CA VAL B 258 30.51 -17.39 11.44
C VAL B 258 30.64 -16.10 12.24
N PHE B 259 31.44 -16.10 13.30
CA PHE B 259 31.50 -14.94 14.20
C PHE B 259 32.18 -13.74 13.57
N VAL B 260 33.15 -13.97 12.68
CA VAL B 260 33.79 -12.83 12.03
C VAL B 260 32.87 -12.20 11.00
N ALA B 261 32.20 -13.03 10.20
CA ALA B 261 31.27 -12.51 9.20
C ALA B 261 29.98 -11.98 9.81
N THR B 262 29.68 -12.30 11.07
CA THR B 262 28.48 -11.75 11.70
C THR B 262 28.66 -10.30 12.13
N VAL B 263 29.82 -9.96 12.69
CA VAL B 263 30.05 -8.60 13.17
C VAL B 263 30.16 -7.64 12.00
N ILE B 264 30.77 -8.07 10.91
CA ILE B 264 30.87 -7.23 9.71
C ILE B 264 29.50 -7.06 9.06
N SER B 265 28.60 -8.02 9.23
CA SER B 265 27.27 -7.88 8.68
C SER B 265 26.35 -7.01 9.52
N PHE B 266 26.81 -6.48 10.66
CA PHE B 266 25.99 -5.56 11.43
C PHE B 266 26.39 -4.10 11.30
N ILE B 267 27.62 -3.79 10.93
CA ILE B 267 28.04 -2.40 10.75
C ILE B 267 27.90 -1.94 9.31
N ILE B 268 27.25 -2.74 8.47
CA ILE B 268 26.93 -2.31 7.11
C ILE B 268 25.46 -1.91 7.02
N GLY B 269 24.57 -2.70 7.61
CA GLY B 269 23.16 -2.38 7.63
C GLY B 269 22.74 -1.56 8.84
N ARG B 270 23.67 -0.76 9.37
CA ARG B 270 23.34 0.06 10.53
C ARG B 270 22.42 1.23 10.20
N PRO B 271 22.66 2.07 9.15
CA PRO B 271 21.66 3.11 8.87
C PRO B 271 20.57 2.63 7.92
N LEU B 272 20.44 1.32 7.74
CA LEU B 272 19.41 0.78 6.85
C LEU B 272 18.00 0.99 7.39
N ILE B 273 17.84 1.23 8.69
CA ILE B 273 16.52 1.43 9.26
C ILE B 273 15.94 2.76 8.82
N TRP B 274 16.66 3.85 9.04
CA TRP B 274 16.11 5.18 8.76
C TRP B 274 16.04 5.50 7.28
N LEU B 275 16.57 4.66 6.41
CA LEU B 275 16.26 4.76 5.00
C LEU B 275 15.02 3.97 4.62
N SER B 276 14.51 3.12 5.52
CA SER B 276 13.26 2.43 5.27
C SER B 276 12.12 2.96 6.12
N PHE B 277 12.35 4.00 6.91
CA PHE B 277 11.27 4.70 7.57
C PHE B 277 10.79 5.89 6.75
N ARG B 278 11.72 6.57 6.07
CA ARG B 278 11.33 7.71 5.25
C ARG B 278 10.57 7.30 3.99
N ASN B 279 10.76 6.07 3.52
CA ASN B 279 10.07 5.62 2.33
C ASN B 279 8.60 5.38 2.58
N GLU B 280 8.23 5.06 3.82
CA GLU B 280 6.81 4.91 4.12
C GLU B 280 6.14 6.24 4.44
N LYS B 281 6.90 7.30 4.67
CA LYS B 281 6.29 8.59 4.89
C LYS B 281 6.21 9.40 3.61
N LEU B 282 7.23 9.32 2.76
CA LEU B 282 7.20 10.08 1.53
C LEU B 282 6.23 9.51 0.51
N ASN B 283 5.89 8.22 0.59
CA ASN B 283 4.84 7.64 -0.21
C ASN B 283 3.50 7.65 0.49
N ALA B 284 3.36 8.43 1.56
CA ALA B 284 2.07 8.68 2.16
C ALA B 284 1.72 10.16 2.19
N ALA B 285 2.70 11.04 2.04
CA ALA B 285 2.45 12.44 1.80
C ALA B 285 2.27 12.75 0.33
N PHE B 286 2.34 11.72 -0.53
CA PHE B 286 2.02 11.87 -1.94
C PHE B 286 0.58 11.48 -2.21
N ARG B 287 0.07 10.49 -1.51
CA ARG B 287 -1.30 10.05 -1.74
C ARG B 287 -2.33 10.92 -1.04
N TYR B 288 -1.91 11.89 -0.24
CA TYR B 288 -2.85 12.85 0.32
C TYR B 288 -3.12 13.98 -0.67
N ALA B 289 -2.13 14.34 -1.48
CA ALA B 289 -2.25 15.46 -2.40
C ALA B 289 -3.19 15.18 -3.55
N LEU B 290 -3.56 13.92 -3.78
CA LEU B 290 -4.58 13.59 -4.78
C LEU B 290 -5.98 13.50 -4.19
N VAL B 291 -6.11 12.98 -2.97
CA VAL B 291 -7.42 12.93 -2.33
C VAL B 291 -7.88 14.33 -1.96
N ARG B 292 -6.95 15.26 -1.72
CA ARG B 292 -7.38 16.64 -1.58
C ARG B 292 -7.86 17.22 -2.90
N LEU B 293 -7.34 16.74 -4.02
CA LEU B 293 -7.77 17.27 -5.30
C LEU B 293 -9.10 16.70 -5.75
N ARG B 294 -9.37 15.43 -5.44
CA ARG B 294 -10.50 14.72 -6.04
C ARG B 294 -11.83 15.28 -5.59
N ASP B 295 -12.04 15.42 -4.28
CA ASP B 295 -13.29 15.98 -3.79
C ASP B 295 -13.22 17.49 -3.64
N ALA B 296 -12.26 18.14 -4.28
CA ALA B 296 -12.27 19.58 -4.49
C ALA B 296 -12.33 19.91 -5.98
N ALA B 297 -13.02 19.07 -6.75
CA ALA B 297 -12.95 19.16 -8.19
C ALA B 297 -13.78 20.30 -8.77
N GLU B 298 -14.73 20.84 -8.01
CA GLU B 298 -15.57 21.88 -8.57
C GLU B 298 -14.86 23.23 -8.61
N ALA B 299 -14.17 23.59 -7.53
CA ALA B 299 -13.59 24.91 -7.44
C ALA B 299 -12.36 25.09 -8.32
N VAL B 300 -11.68 24.00 -8.68
CA VAL B 300 -10.51 24.13 -9.53
C VAL B 300 -10.93 24.41 -10.97
N GLY B 301 -12.11 23.94 -11.37
CA GLY B 301 -12.57 24.16 -12.73
C GLY B 301 -12.92 25.61 -13.02
N PHE B 302 -13.45 26.34 -12.05
CA PHE B 302 -13.76 27.74 -12.23
C PHE B 302 -12.52 28.62 -12.27
N TYR B 303 -11.39 28.14 -11.77
CA TYR B 303 -10.17 28.93 -11.71
C TYR B 303 -9.22 28.66 -12.86
N ARG B 304 -9.43 27.58 -13.61
CA ARG B 304 -8.51 27.08 -14.64
C ARG B 304 -7.10 26.87 -14.09
N GLY B 305 -7.01 26.42 -12.85
CA GLY B 305 -5.73 26.29 -12.20
C GLY B 305 -5.10 24.92 -12.39
N GLU B 306 -4.85 24.54 -13.63
CA GLU B 306 -4.25 23.25 -13.94
C GLU B 306 -2.77 23.36 -14.28
N ARG B 307 -2.14 24.49 -13.97
CA ARG B 307 -0.71 24.66 -14.20
C ARG B 307 0.07 24.96 -12.94
N VAL B 308 -0.56 25.51 -11.91
CA VAL B 308 0.10 25.63 -10.61
C VAL B 308 0.05 24.31 -9.88
N GLU B 309 -1.12 23.65 -9.92
CA GLU B 309 -1.29 22.37 -9.23
C GLU B 309 -0.45 21.28 -9.87
N GLY B 310 -0.16 21.40 -11.16
CA GLY B 310 0.76 20.47 -11.79
C GLY B 310 2.19 20.63 -11.37
N THR B 311 2.54 21.76 -10.75
CA THR B 311 3.89 21.89 -10.22
C THR B 311 4.00 21.21 -8.86
N GLN B 312 2.91 21.21 -8.08
CA GLN B 312 2.96 20.71 -6.72
C GLN B 312 3.16 19.21 -6.65
N LEU B 313 2.58 18.46 -7.59
CA LEU B 313 2.79 17.03 -7.57
C LEU B 313 4.21 16.67 -7.96
N GLN B 314 4.81 17.43 -8.89
CA GLN B 314 6.21 17.19 -9.21
C GLN B 314 7.13 17.69 -8.12
N ARG B 315 6.68 18.63 -7.30
CA ARG B 315 7.46 19.08 -6.15
C ARG B 315 7.37 18.12 -4.98
N ARG B 316 6.27 17.38 -4.86
CA ARG B 316 6.10 16.41 -3.80
C ARG B 316 6.44 14.99 -4.22
N PHE B 317 6.72 14.76 -5.49
CA PHE B 317 7.05 13.44 -5.97
C PHE B 317 8.54 13.18 -6.05
N THR B 318 9.32 14.13 -6.55
CA THR B 318 10.74 13.88 -6.80
C THR B 318 11.63 13.56 -5.60
N PRO B 319 11.33 13.88 -4.33
CA PRO B 319 12.13 13.28 -3.26
C PRO B 319 11.74 11.85 -2.89
N VAL B 320 10.78 11.23 -3.55
CA VAL B 320 10.53 9.81 -3.34
C VAL B 320 11.49 8.96 -4.16
N ILE B 321 11.60 9.26 -5.45
CA ILE B 321 12.54 8.52 -6.31
C ILE B 321 13.98 8.93 -6.09
N ASP B 322 14.23 9.99 -5.33
CA ASP B 322 15.59 10.31 -4.92
C ASP B 322 15.97 9.66 -3.60
N ASN B 323 15.00 9.31 -2.77
CA ASN B 323 15.24 8.54 -1.56
C ASN B 323 15.09 7.05 -1.79
N TYR B 324 15.35 6.61 -3.01
CA TYR B 324 15.28 5.21 -3.40
C TYR B 324 16.56 4.87 -4.14
N ARG B 325 17.19 5.88 -4.74
CA ARG B 325 18.44 5.67 -5.46
C ARG B 325 19.66 5.73 -4.56
N ARG B 326 19.48 6.06 -3.28
CA ARG B 326 20.53 5.85 -2.29
C ARG B 326 20.14 4.80 -1.28
N TYR B 327 18.98 4.19 -1.44
CA TYR B 327 18.59 3.02 -0.68
C TYR B 327 18.90 1.73 -1.43
N VAL B 328 18.91 1.79 -2.77
CA VAL B 328 19.37 0.64 -3.54
C VAL B 328 20.90 0.58 -3.59
N ARG B 329 21.57 1.67 -3.25
CA ARG B 329 23.04 1.65 -3.19
C ARG B 329 23.55 1.10 -1.87
N ARG B 330 22.69 0.90 -0.90
CA ARG B 330 23.07 0.30 0.37
C ARG B 330 22.75 -1.19 0.42
N SER B 331 21.60 -1.59 -0.12
CA SER B 331 21.16 -2.97 -0.07
C SER B 331 21.70 -3.80 -1.23
N ILE B 332 22.76 -3.35 -1.89
CA ILE B 332 23.57 -4.21 -2.74
C ILE B 332 24.90 -4.54 -2.08
N ALA B 333 25.55 -3.54 -1.48
CA ALA B 333 26.81 -3.79 -0.79
C ALA B 333 26.61 -4.62 0.46
N PHE B 334 25.45 -4.53 1.10
CA PHE B 334 25.16 -5.45 2.19
C PHE B 334 24.83 -6.83 1.67
N ASN B 335 24.01 -6.91 0.62
CA ASN B 335 23.63 -8.22 0.09
C ASN B 335 24.74 -8.84 -0.74
N GLY B 336 25.72 -8.07 -1.18
CA GLY B 336 26.89 -8.65 -1.82
C GLY B 336 27.92 -9.18 -0.87
N TRP B 337 27.74 -8.96 0.43
CA TRP B 337 28.64 -9.50 1.44
C TRP B 337 28.13 -10.80 2.03
N ASN B 338 26.82 -10.93 2.24
CA ASN B 338 26.27 -12.18 2.76
C ASN B 338 26.05 -13.23 1.67
N LEU B 339 26.43 -12.95 0.43
CA LEU B 339 26.54 -13.99 -0.57
C LEU B 339 27.97 -14.45 -0.78
N SER B 340 28.94 -13.56 -0.63
CA SER B 340 30.33 -13.93 -0.82
C SER B 340 30.93 -14.64 0.38
N VAL B 341 30.19 -14.81 1.47
CA VAL B 341 30.66 -15.59 2.59
C VAL B 341 29.89 -16.91 2.73
N SER B 342 28.74 -17.04 2.07
CA SER B 342 27.99 -18.29 2.07
C SER B 342 28.29 -19.11 0.83
N GLN B 343 29.37 -18.80 0.13
CA GLN B 343 29.82 -19.55 -1.03
C GLN B 343 31.24 -20.08 -0.87
N THR B 344 32.11 -19.34 -0.20
CA THR B 344 33.51 -19.73 -0.05
C THR B 344 33.74 -20.71 1.10
N ILE B 345 32.70 -21.40 1.55
CA ILE B 345 32.85 -22.36 2.62
C ILE B 345 32.29 -23.70 2.17
N VAL B 346 31.62 -23.71 1.03
CA VAL B 346 30.91 -24.91 0.60
C VAL B 346 31.83 -26.05 0.12
N PRO B 347 33.06 -25.85 -0.47
CA PRO B 347 33.92 -27.04 -0.61
C PRO B 347 34.85 -27.25 0.56
N LEU B 348 34.39 -27.04 1.79
CA LEU B 348 35.30 -27.30 2.91
C LEU B 348 35.33 -28.75 3.41
N PRO B 349 34.21 -29.46 3.69
CA PRO B 349 34.38 -30.80 4.26
C PRO B 349 34.81 -31.85 3.25
N TRP B 350 34.84 -31.51 1.97
CA TRP B 350 35.32 -32.48 0.99
C TRP B 350 36.84 -32.55 0.94
N VAL B 351 37.54 -31.58 1.50
CA VAL B 351 39.00 -31.58 1.49
C VAL B 351 39.62 -31.85 2.85
N ILE B 352 38.86 -31.73 3.94
CA ILE B 352 39.40 -32.10 5.24
C ILE B 352 39.19 -33.59 5.51
N GLN B 353 38.17 -34.19 4.91
CA GLN B 353 37.95 -35.63 4.98
C GLN B 353 38.28 -36.32 3.67
N ALA B 354 39.17 -35.74 2.88
CA ALA B 354 39.61 -36.40 1.66
C ALA B 354 40.64 -37.52 1.90
N PRO B 355 41.78 -37.33 2.59
CA PRO B 355 42.72 -38.45 2.68
C PRO B 355 42.32 -39.52 3.66
N ARG B 356 41.29 -39.30 4.47
CA ARG B 356 40.77 -40.35 5.33
C ARG B 356 39.82 -41.29 4.60
N LEU B 357 39.55 -41.04 3.32
CA LEU B 357 38.69 -41.90 2.51
C LEU B 357 39.48 -42.76 1.53
N PHE B 358 40.55 -42.22 0.94
CA PHE B 358 41.40 -43.03 0.08
C PHE B 358 42.21 -44.03 0.88
N ALA B 359 42.41 -43.79 2.16
CA ALA B 359 42.76 -44.83 3.13
C ALA B 359 41.50 -45.29 3.83
N GLY B 360 41.55 -46.49 4.40
CA GLY B 360 40.33 -47.11 4.92
C GLY B 360 39.88 -46.69 6.30
N GLN B 361 40.01 -45.40 6.63
CA GLN B 361 39.63 -44.92 7.95
C GLN B 361 38.12 -44.87 8.11
N ILE B 362 37.41 -44.34 7.11
CA ILE B 362 35.96 -44.31 7.10
C ILE B 362 35.48 -45.02 5.85
N ASP B 363 34.17 -45.04 5.62
CA ASP B 363 33.60 -45.95 4.64
C ASP B 363 32.57 -45.26 3.77
N PHE B 364 32.85 -44.02 3.35
CA PHE B 364 32.15 -43.27 2.30
C PHE B 364 30.72 -42.85 2.68
N GLY B 365 30.20 -43.35 3.80
CA GLY B 365 28.89 -42.89 4.21
C GLY B 365 29.07 -41.63 5.01
N ASP B 366 30.13 -41.62 5.82
CA ASP B 366 30.34 -40.51 6.73
C ASP B 366 30.77 -39.25 6.01
N VAL B 367 31.32 -39.35 4.81
CA VAL B 367 31.67 -38.16 4.04
C VAL B 367 30.41 -37.41 3.64
N GLY B 368 29.44 -38.12 3.07
CA GLY B 368 28.18 -37.48 2.71
C GLY B 368 27.36 -37.06 3.91
N GLN B 369 27.35 -37.88 4.95
CA GLN B 369 26.60 -37.57 6.15
C GLN B 369 27.23 -36.43 6.96
N THR B 370 28.51 -36.15 6.73
CA THR B 370 29.21 -35.01 7.29
C THR B 370 28.96 -33.75 6.46
N ALA B 371 28.97 -33.90 5.13
CA ALA B 371 28.65 -32.78 4.26
C ALA B 371 27.23 -32.26 4.45
N THR B 372 26.27 -33.16 4.63
CA THR B 372 24.88 -32.76 4.88
C THR B 372 24.73 -32.04 6.21
N SER B 373 25.52 -32.42 7.21
CA SER B 373 25.40 -31.80 8.52
C SER B 373 26.13 -30.47 8.59
N PHE B 374 27.27 -30.38 7.92
CA PHE B 374 28.01 -29.12 7.90
C PHE B 374 27.35 -28.11 6.99
N GLY B 375 26.60 -28.55 5.99
CA GLY B 375 25.78 -27.63 5.25
C GLY B 375 24.46 -27.31 5.88
N ASN B 376 24.26 -27.73 7.13
CA ASN B 376 23.05 -27.47 7.88
C ASN B 376 23.29 -26.64 9.13
N ILE B 377 24.29 -26.99 9.94
CA ILE B 377 24.56 -26.17 11.12
C ILE B 377 25.26 -24.87 10.76
N HIS B 378 25.80 -24.76 9.56
CA HIS B 378 26.35 -23.48 9.13
C HIS B 378 25.26 -22.58 8.59
N ASP B 379 24.29 -23.16 7.89
CA ASP B 379 23.20 -22.35 7.35
C ASP B 379 22.24 -21.92 8.45
N SER B 380 21.97 -22.79 9.42
CA SER B 380 21.03 -22.43 10.46
C SER B 380 21.61 -21.45 11.47
N LEU B 381 22.93 -21.38 11.59
CA LEU B 381 23.55 -20.29 12.33
C LEU B 381 23.71 -19.05 11.50
N SER B 382 23.58 -19.17 10.18
CA SER B 382 23.63 -18.02 9.29
C SER B 382 22.29 -17.30 9.19
N PHE B 383 21.31 -17.67 10.00
CA PHE B 383 20.03 -17.00 9.98
C PHE B 383 20.13 -15.60 10.57
N PHE B 384 21.08 -15.37 11.47
CA PHE B 384 21.12 -14.12 12.21
C PHE B 384 21.87 -13.02 11.49
N ARG B 385 22.26 -13.22 10.25
CA ARG B 385 22.68 -12.11 9.41
C ARG B 385 22.08 -12.14 8.02
N ASN B 386 21.62 -13.28 7.54
CA ASN B 386 20.97 -13.37 6.24
C ASN B 386 19.52 -12.89 6.28
N ASN B 387 18.98 -12.61 7.46
CA ASN B 387 17.65 -12.07 7.62
C ASN B 387 17.70 -10.83 8.47
N TYR B 388 18.67 -9.96 8.22
CA TYR B 388 18.77 -8.72 8.97
C TYR B 388 18.03 -7.57 8.29
N ASP B 389 18.01 -7.53 6.95
CA ASP B 389 17.29 -6.45 6.28
C ASP B 389 15.78 -6.59 6.44
N ALA B 390 15.28 -7.82 6.50
CA ALA B 390 13.86 -8.04 6.75
C ALA B 390 13.48 -7.83 8.20
N PHE B 391 14.45 -7.61 9.08
CA PHE B 391 14.17 -7.14 10.43
C PHE B 391 14.20 -5.62 10.51
N ALA B 392 14.96 -4.98 9.64
CA ALA B 392 15.11 -3.53 9.71
C ALA B 392 13.82 -2.82 9.35
N SER B 393 13.14 -3.25 8.28
CA SER B 393 11.88 -2.64 7.92
C SER B 393 10.78 -2.97 8.92
N PHE B 394 10.90 -4.11 9.60
CA PHE B 394 9.96 -4.43 10.68
C PHE B 394 10.18 -3.49 11.86
N ARG B 395 11.43 -3.15 12.16
CA ARG B 395 11.69 -2.23 13.26
C ARG B 395 11.35 -0.79 12.90
N ALA B 396 11.13 -0.48 11.63
CA ALA B 396 10.56 0.80 11.26
C ALA B 396 9.04 0.75 11.25
N ALA B 397 8.43 -0.38 11.56
CA ALA B 397 6.99 -0.45 11.72
C ALA B 397 6.57 -0.45 13.17
N ILE B 398 7.51 -0.45 14.10
CA ILE B 398 7.20 -0.34 15.52
C ILE B 398 7.30 1.10 16.01
N ILE B 399 8.32 1.83 15.55
CA ILE B 399 8.42 3.27 15.83
C ILE B 399 7.26 4.01 15.20
N ARG B 400 6.87 3.64 13.99
CA ARG B 400 5.81 4.32 13.27
C ARG B 400 4.47 4.17 13.97
N LEU B 401 4.22 3.01 14.58
CA LEU B 401 2.97 2.83 15.33
C LEU B 401 3.05 3.39 16.73
N HIS B 402 4.22 3.29 17.38
CA HIS B 402 4.39 3.81 18.72
C HIS B 402 4.34 5.33 18.76
N GLY B 403 4.62 5.99 17.64
CA GLY B 403 4.38 7.41 17.57
C GLY B 403 2.93 7.82 17.45
N LEU B 404 1.99 6.88 17.53
CA LEU B 404 0.56 7.21 17.51
C LEU B 404 -0.10 7.03 18.87
N VAL B 405 0.20 5.94 19.58
CA VAL B 405 -0.39 5.74 20.90
C VAL B 405 0.19 6.74 21.90
N ASP B 406 1.46 7.08 21.75
CA ASP B 406 2.07 8.11 22.57
C ASP B 406 1.96 9.49 21.95
N ALA B 407 0.93 9.73 21.15
CA ALA B 407 0.63 11.06 20.64
C ALA B 407 -0.81 11.47 20.88
N ASN B 408 -1.68 10.54 21.24
CA ASN B 408 -2.98 10.88 21.77
C ASN B 408 -3.11 10.55 23.24
N GLU B 409 -2.00 10.20 23.89
CA GLU B 409 -1.91 10.23 25.34
C GLU B 409 -1.45 11.59 25.82
N LYS B 410 -0.56 12.21 25.07
CA LYS B 410 -0.17 13.61 25.25
C LYS B 410 -1.13 14.57 24.57
N GLY B 411 -2.20 14.06 23.97
CA GLY B 411 -3.17 14.89 23.31
C GLY B 411 -4.34 15.32 24.16
N ARG B 412 -4.47 14.78 25.37
CA ARG B 412 -5.52 15.20 26.27
C ARG B 412 -5.00 15.86 27.53
N ALA B 413 -3.69 16.09 27.62
CA ALA B 413 -3.11 16.77 28.76
C ALA B 413 -2.99 18.28 28.55
N LEU B 414 -3.72 18.83 27.61
CA LEU B 414 -3.72 20.26 27.40
C LEU B 414 -4.90 20.89 28.14
N PRO B 415 -4.76 22.12 28.63
CA PRO B 415 -5.84 22.73 29.44
C PRO B 415 -7.06 23.06 28.62
N ALA B 416 -8.18 23.24 29.33
CA ALA B 416 -9.47 23.47 28.70
C ALA B 416 -10.33 24.29 29.65
N VAL B 417 -11.63 24.31 29.39
CA VAL B 417 -12.59 25.06 30.19
C VAL B 417 -13.43 24.07 30.99
N LEU B 418 -13.58 24.31 32.28
CA LEU B 418 -14.30 23.39 33.15
C LEU B 418 -15.80 23.66 33.12
N THR B 419 -16.59 22.58 33.03
CA THR B 419 -18.04 22.68 32.97
C THR B 419 -18.67 21.93 34.14
N ARG B 420 -19.78 22.47 34.63
CA ARG B 420 -20.58 21.87 35.69
C ARG B 420 -22.04 21.96 35.31
N PRO B 421 -22.85 20.96 35.69
CA PRO B 421 -24.26 20.98 35.30
C PRO B 421 -25.07 21.96 36.14
N SER B 422 -26.00 22.64 35.47
CA SER B 422 -26.92 23.54 36.14
C SER B 422 -28.03 22.77 36.85
N ASP B 423 -28.87 23.51 37.57
CA ASP B 423 -29.93 22.83 38.31
C ASP B 423 -31.20 22.63 37.47
N ASP B 424 -31.75 23.69 36.85
CA ASP B 424 -32.87 23.48 35.93
C ASP B 424 -32.55 23.90 34.51
N GLU B 425 -32.33 25.21 34.26
CA GLU B 425 -32.14 25.75 32.91
C GLU B 425 -31.46 27.10 33.09
N SER B 426 -30.14 27.14 32.91
CA SER B 426 -29.40 28.38 33.09
C SER B 426 -28.05 28.25 32.42
N VAL B 427 -27.65 29.28 31.70
CA VAL B 427 -26.34 29.34 31.06
C VAL B 427 -25.64 30.57 31.62
N GLU B 428 -24.77 30.37 32.60
CA GLU B 428 -24.04 31.49 33.17
C GLU B 428 -22.55 31.20 33.08
N LEU B 429 -21.77 32.27 33.03
CA LEU B 429 -20.32 32.10 33.01
C LEU B 429 -19.68 33.22 33.80
N ASN B 430 -18.72 32.85 34.63
CA ASN B 430 -18.13 33.83 35.55
C ASN B 430 -17.08 34.69 34.85
N ASP B 431 -16.04 34.06 34.33
CA ASP B 431 -14.99 34.79 33.65
C ASP B 431 -14.40 33.88 32.58
N ILE B 432 -14.22 34.43 31.38
CA ILE B 432 -13.69 33.66 30.25
C ILE B 432 -12.71 34.54 29.50
N GLU B 433 -11.50 34.05 29.30
CA GLU B 433 -10.54 34.71 28.43
C GLU B 433 -9.96 33.70 27.47
N VAL B 434 -9.78 34.12 26.22
CA VAL B 434 -9.27 33.28 25.15
C VAL B 434 -8.10 33.99 24.49
N ARG B 435 -7.24 33.22 23.83
CA ARG B 435 -6.02 33.75 23.24
C ARG B 435 -5.78 33.09 21.89
N THR B 436 -4.56 33.27 21.41
CA THR B 436 -4.07 32.81 20.12
C THR B 436 -2.66 32.26 20.32
N PRO B 437 -2.31 31.16 19.64
CA PRO B 437 -0.98 30.54 19.85
C PRO B 437 0.23 31.43 19.55
N ALA B 438 0.05 32.53 18.84
CA ALA B 438 1.12 33.52 18.77
C ALA B 438 1.33 34.22 20.11
N GLY B 439 0.26 34.38 20.89
CA GLY B 439 0.36 35.10 22.14
C GLY B 439 -0.35 36.43 22.10
N ASP B 440 -1.45 36.50 21.36
CA ASP B 440 -2.24 37.72 21.25
C ASP B 440 -3.33 37.72 22.32
N ARG B 441 -4.22 38.71 22.25
CA ARG B 441 -5.36 38.80 23.16
C ARG B 441 -6.59 39.13 22.34
N LEU B 442 -7.67 38.38 22.57
CA LEU B 442 -8.91 38.61 21.86
C LEU B 442 -10.00 39.16 22.76
N ILE B 443 -10.35 38.45 23.83
CA ILE B 443 -11.46 38.83 24.71
C ILE B 443 -10.95 38.92 26.14
N ASP B 444 -11.27 40.01 26.82
CA ASP B 444 -10.98 40.16 28.23
C ASP B 444 -11.95 39.30 29.05
N PRO B 445 -11.65 39.05 30.34
CA PRO B 445 -12.59 38.27 31.18
C PRO B 445 -13.95 38.93 31.31
N LEU B 446 -14.96 38.24 30.79
CA LEU B 446 -16.32 38.76 30.67
C LEU B 446 -17.27 37.88 31.47
N ASP B 447 -18.50 38.37 31.62
CA ASP B 447 -19.51 37.67 32.40
C ASP B 447 -20.86 37.85 31.72
N VAL B 448 -21.68 36.80 31.77
CA VAL B 448 -23.06 36.86 31.29
C VAL B 448 -23.84 35.76 31.99
N ARG B 449 -25.15 35.97 32.11
CA ARG B 449 -26.07 35.00 32.71
C ARG B 449 -27.36 35.00 31.90
N LEU B 450 -27.78 33.80 31.47
CA LEU B 450 -29.02 33.60 30.75
C LEU B 450 -29.88 32.58 31.47
N ASP B 451 -31.18 32.72 31.32
CA ASP B 451 -32.19 31.95 32.04
C ASP B 451 -32.94 31.09 31.04
N ARG B 452 -34.07 30.53 31.49
CA ARG B 452 -34.87 29.60 30.69
C ARG B 452 -35.33 30.21 29.37
N GLY B 453 -36.11 31.28 29.43
CA GLY B 453 -36.50 31.97 28.23
C GLY B 453 -35.59 33.16 27.97
N GLY B 454 -34.79 33.10 26.91
CA GLY B 454 -33.89 34.19 26.61
C GLY B 454 -33.34 34.06 25.22
N SER B 455 -32.58 35.07 24.82
CA SER B 455 -31.96 35.11 23.51
C SER B 455 -30.72 35.98 23.58
N LEU B 456 -29.85 35.82 22.58
CA LEU B 456 -28.61 36.59 22.49
C LEU B 456 -28.06 36.49 21.08
N VAL B 457 -27.58 37.62 20.55
CA VAL B 457 -26.84 37.64 19.31
C VAL B 457 -25.49 38.28 19.55
N ILE B 458 -24.49 37.81 18.80
CA ILE B 458 -23.13 38.31 18.89
C ILE B 458 -22.74 38.82 17.50
N THR B 459 -22.46 40.11 17.41
CA THR B 459 -21.92 40.69 16.19
C THR B 459 -20.47 41.10 16.44
N GLY B 460 -19.87 41.75 15.46
CA GLY B 460 -18.54 42.28 15.67
C GLY B 460 -17.80 42.72 14.43
N ARG B 461 -16.52 42.38 14.33
CA ARG B 461 -15.70 42.75 13.21
C ARG B 461 -15.66 41.62 12.19
N SER B 462 -14.78 41.77 11.19
CA SER B 462 -14.76 40.85 10.07
C SER B 462 -14.16 39.50 10.47
N GLY B 463 -12.98 39.51 11.07
CA GLY B 463 -12.33 38.26 11.42
C GLY B 463 -11.64 38.28 12.77
N ALA B 464 -12.14 39.09 13.70
CA ALA B 464 -11.50 39.27 15.00
C ALA B 464 -12.36 38.62 16.07
N GLY B 465 -12.17 37.30 16.24
CA GLY B 465 -12.70 36.58 17.38
C GLY B 465 -14.20 36.48 17.51
N LYS B 466 -14.84 35.73 16.63
CA LYS B 466 -16.28 35.49 16.77
C LYS B 466 -16.63 34.01 16.79
N THR B 467 -15.84 33.16 16.15
CA THR B 467 -16.04 31.72 16.21
C THR B 467 -15.15 31.08 17.27
N THR B 468 -14.04 31.74 17.62
CA THR B 468 -13.10 31.20 18.61
C THR B 468 -13.76 31.13 19.98
N LEU B 469 -14.63 32.09 20.29
CA LEU B 469 -15.43 32.00 21.51
C LEU B 469 -16.36 30.79 21.48
N LEU B 470 -16.90 30.46 20.30
CA LEU B 470 -17.68 29.24 20.20
C LEU B 470 -16.81 27.99 20.18
N ARG B 471 -15.58 28.10 19.71
CA ARG B 471 -14.69 26.94 19.71
C ARG B 471 -14.14 26.65 21.10
N SER B 472 -14.19 27.61 22.01
CA SER B 472 -13.67 27.39 23.35
C SER B 472 -14.73 27.01 24.36
N LEU B 473 -16.01 27.14 24.01
CA LEU B 473 -17.08 26.84 24.95
C LEU B 473 -17.62 25.43 24.83
N ALA B 474 -16.91 24.55 24.14
CA ALA B 474 -17.37 23.18 24.00
C ALA B 474 -16.25 22.17 24.27
N GLU B 475 -15.24 22.60 25.04
CA GLU B 475 -14.05 21.81 25.38
C GLU B 475 -13.33 21.31 24.12
N LEU B 476 -12.97 22.26 23.28
CA LEU B 476 -12.36 21.93 22.00
C LEU B 476 -11.16 22.80 21.68
N TRP B 477 -10.86 23.81 22.46
CA TRP B 477 -9.78 24.75 22.22
C TRP B 477 -8.86 24.80 23.44
N PRO B 478 -7.54 24.73 23.23
CA PRO B 478 -6.64 24.59 24.38
C PRO B 478 -6.35 25.87 25.14
N TYR B 479 -6.24 27.02 24.48
CA TYR B 479 -5.78 28.24 25.14
C TYR B 479 -6.99 29.04 25.61
N ALA B 480 -7.39 28.80 26.85
CA ALA B 480 -8.56 29.46 27.41
C ALA B 480 -8.45 29.43 28.93
N SER B 481 -9.34 30.17 29.59
CA SER B 481 -9.43 30.10 31.04
C SER B 481 -10.86 30.35 31.48
N GLY B 482 -11.29 29.62 32.51
CA GLY B 482 -12.57 29.91 33.13
C GLY B 482 -13.45 28.75 33.53
N THR B 483 -14.76 28.98 33.58
CA THR B 483 -15.72 27.98 34.02
C THR B 483 -17.02 28.16 33.25
N LEU B 484 -17.92 27.19 33.40
CA LEU B 484 -19.22 27.24 32.76
C LEU B 484 -20.22 26.41 33.54
N HIS B 485 -21.43 26.92 33.71
CA HIS B 485 -22.55 26.13 34.23
C HIS B 485 -23.53 25.94 33.09
N ARG B 486 -23.81 24.69 32.76
CA ARG B 486 -24.64 24.39 31.60
C ARG B 486 -25.81 23.50 31.98
N PRO B 487 -26.91 23.55 31.24
CA PRO B 487 -27.94 22.53 31.42
C PRO B 487 -27.52 21.24 30.73
N GLY B 488 -26.68 20.48 31.43
CA GLY B 488 -26.02 19.33 30.84
C GLY B 488 -26.93 18.14 30.66
N GLY B 489 -26.32 17.05 30.25
CA GLY B 489 -27.01 15.84 29.94
C GLY B 489 -26.27 15.10 28.84
N GLU B 490 -27.04 14.39 28.02
CA GLU B 490 -26.48 13.62 26.92
C GLU B 490 -26.33 14.47 25.66
N ASN B 491 -27.44 15.02 25.18
CA ASN B 491 -27.48 15.74 23.93
C ASN B 491 -28.25 17.04 24.10
N GLU B 492 -27.93 17.78 25.16
CA GLU B 492 -28.68 18.96 25.52
C GLU B 492 -27.95 20.25 25.23
N THR B 493 -26.83 20.19 24.52
CA THR B 493 -26.11 21.37 24.03
C THR B 493 -25.73 21.07 22.58
N MET B 494 -26.61 21.44 21.66
CA MET B 494 -26.36 21.20 20.24
C MET B 494 -25.73 22.44 19.62
N PHE B 495 -24.60 22.25 18.96
CA PHE B 495 -23.92 23.29 18.22
C PHE B 495 -24.11 23.07 16.73
N LEU B 496 -23.75 24.07 15.93
CA LEU B 496 -23.67 23.92 14.49
C LEU B 496 -22.36 24.57 14.04
N SER B 497 -21.97 24.30 12.79
CA SER B 497 -20.67 24.75 12.30
C SER B 497 -20.85 25.86 11.27
N GLN B 498 -19.79 26.66 11.11
CA GLN B 498 -19.84 27.76 10.14
C GLN B 498 -19.80 27.22 8.71
N LEU B 499 -19.20 26.07 8.50
CA LEU B 499 -19.28 25.40 7.22
C LEU B 499 -20.10 24.13 7.38
N PRO B 500 -21.00 23.80 6.46
CA PRO B 500 -21.90 22.68 6.67
C PRO B 500 -21.22 21.33 6.48
N TYR B 501 -21.79 20.31 7.12
CA TYR B 501 -21.22 18.97 7.08
C TYR B 501 -22.33 17.95 6.84
N VAL B 502 -22.02 16.95 6.02
CA VAL B 502 -22.92 15.82 5.76
C VAL B 502 -22.20 14.52 6.12
N PRO B 503 -22.91 13.45 6.49
CA PRO B 503 -22.26 12.16 6.67
C PRO B 503 -22.12 11.40 5.37
N LEU B 504 -21.68 10.14 5.44
CA LEU B 504 -21.33 9.38 4.25
C LEU B 504 -22.40 8.40 3.80
N GLY B 505 -23.27 7.95 4.70
CA GLY B 505 -24.20 6.87 4.39
C GLY B 505 -25.38 7.27 3.54
N THR B 506 -26.50 6.57 3.76
CA THR B 506 -27.70 6.78 2.96
C THR B 506 -28.40 8.07 3.38
N LEU B 507 -29.55 8.34 2.75
CA LEU B 507 -30.32 9.53 3.10
C LEU B 507 -31.05 9.37 4.42
N ARG B 508 -31.16 8.16 4.96
CA ARG B 508 -31.78 8.00 6.27
C ARG B 508 -30.87 8.47 7.39
N ASP B 509 -29.56 8.55 7.16
CA ASP B 509 -28.63 9.00 8.18
C ASP B 509 -28.15 10.43 7.95
N VAL B 510 -28.55 11.07 6.86
CA VAL B 510 -28.12 12.44 6.67
C VAL B 510 -28.99 13.40 7.48
N VAL B 511 -30.21 13.02 7.83
CA VAL B 511 -31.08 13.93 8.55
C VAL B 511 -31.07 13.67 10.06
N CYS B 512 -30.83 12.45 10.50
CA CYS B 512 -30.74 12.13 11.92
C CYS B 512 -29.28 11.91 12.25
N TYR B 513 -28.52 13.00 12.32
CA TYR B 513 -27.07 12.80 12.40
C TYR B 513 -26.53 12.45 13.79
N PRO B 514 -26.87 13.14 14.89
CA PRO B 514 -26.31 12.68 16.17
C PRO B 514 -26.98 11.43 16.69
N ASN B 515 -28.24 11.20 16.33
CA ASN B 515 -28.93 9.98 16.70
C ASN B 515 -28.62 8.87 15.70
N SER B 516 -29.02 7.66 16.05
CA SER B 516 -28.74 6.50 15.20
C SER B 516 -29.75 6.45 14.05
N ALA B 517 -29.78 5.34 13.32
CA ALA B 517 -30.62 5.24 12.15
C ALA B 517 -32.02 4.75 12.47
N ALA B 518 -32.16 3.80 13.39
CA ALA B 518 -33.44 3.16 13.66
C ALA B 518 -34.14 3.69 14.89
N ALA B 519 -33.58 4.71 15.55
CA ALA B 519 -34.17 5.25 16.77
C ALA B 519 -35.21 6.33 16.49
N ILE B 520 -35.63 6.50 15.24
CA ILE B 520 -36.61 7.50 14.85
C ILE B 520 -37.75 6.79 14.16
N PRO B 521 -39.01 7.00 14.57
CA PRO B 521 -40.15 6.39 13.87
C PRO B 521 -40.30 6.99 12.47
N ASP B 522 -40.38 6.11 11.48
CA ASP B 522 -40.40 6.51 10.08
C ASP B 522 -41.72 7.14 9.67
N ALA B 523 -42.78 6.98 10.47
CA ALA B 523 -44.08 7.55 10.10
C ALA B 523 -44.06 9.07 10.20
N THR B 524 -43.26 9.63 11.11
CA THR B 524 -43.18 11.07 11.27
C THR B 524 -41.77 11.60 11.03
N LEU B 525 -40.95 10.87 10.28
CA LEU B 525 -39.72 11.46 9.78
C LEU B 525 -40.00 12.30 8.55
N ARG B 526 -40.93 11.87 7.72
CA ARG B 526 -41.24 12.60 6.50
C ARG B 526 -42.12 13.81 6.76
N ASP B 527 -42.85 13.82 7.88
CA ASP B 527 -43.80 14.90 8.11
C ASP B 527 -43.10 16.18 8.51
N THR B 528 -42.00 16.07 9.27
CA THR B 528 -41.26 17.27 9.63
C THR B 528 -40.45 17.81 8.48
N LEU B 529 -40.25 17.04 7.41
CA LEU B 529 -39.58 17.57 6.23
C LEU B 529 -40.47 18.52 5.45
N THR B 530 -41.79 18.37 5.55
CA THR B 530 -42.69 19.30 4.90
C THR B 530 -42.74 20.65 5.60
N LYS B 531 -42.35 20.71 6.87
CA LYS B 531 -42.34 21.97 7.60
C LYS B 531 -41.18 22.87 7.21
N VAL B 532 -40.19 22.36 6.47
CA VAL B 532 -39.06 23.16 6.02
C VAL B 532 -38.96 23.16 4.50
N ALA B 533 -40.09 22.93 3.82
CA ALA B 533 -40.25 23.09 2.36
C ALA B 533 -39.35 22.15 1.55
N LEU B 534 -38.95 21.03 2.13
CA LEU B 534 -38.25 20.00 1.37
C LEU B 534 -39.22 18.90 0.94
N ALA B 535 -40.19 19.30 0.13
CA ALA B 535 -41.15 18.33 -0.39
C ALA B 535 -40.57 17.34 -1.39
N PRO B 536 -39.85 17.73 -2.46
CA PRO B 536 -39.44 16.72 -3.45
C PRO B 536 -38.27 15.85 -3.03
N LEU B 537 -37.85 15.87 -1.77
CA LEU B 537 -36.93 14.89 -1.22
C LEU B 537 -37.61 13.96 -0.23
N CYS B 538 -38.94 14.04 -0.11
CA CYS B 538 -39.66 13.10 0.73
C CYS B 538 -39.61 11.68 0.17
N ASP B 539 -39.58 11.57 -1.16
CA ASP B 539 -39.28 10.31 -1.81
C ASP B 539 -37.77 10.10 -1.82
N ARG B 540 -37.35 8.94 -2.32
CA ARG B 540 -35.95 8.53 -2.48
C ARG B 540 -35.18 8.61 -1.15
N LEU B 541 -35.83 8.19 -0.07
CA LEU B 541 -35.16 8.20 1.22
C LEU B 541 -34.15 7.08 1.39
N ASP B 542 -34.11 6.11 0.49
CA ASP B 542 -33.20 4.98 0.60
C ASP B 542 -32.26 4.90 -0.59
N GLU B 543 -31.72 6.04 -1.00
CA GLU B 543 -30.68 6.05 -2.01
C GLU B 543 -29.34 5.74 -1.36
N GLU B 544 -28.27 5.74 -2.16
CA GLU B 544 -26.95 5.42 -1.64
C GLU B 544 -25.84 6.28 -2.18
N ARG B 545 -26.12 7.21 -3.09
CA ARG B 545 -25.05 8.01 -3.67
C ARG B 545 -24.61 9.10 -2.68
N ASP B 546 -23.37 9.55 -2.86
CA ASP B 546 -22.78 10.51 -1.95
C ASP B 546 -23.43 11.88 -2.08
N TRP B 547 -23.64 12.53 -0.95
CA TRP B 547 -24.41 13.77 -0.92
C TRP B 547 -23.52 14.98 -0.73
N ALA B 548 -22.22 14.86 -0.97
CA ALA B 548 -21.32 15.97 -0.76
C ALA B 548 -21.49 17.04 -1.82
N LYS B 549 -21.65 16.61 -3.08
CA LYS B 549 -21.69 17.53 -4.21
C LYS B 549 -23.01 17.47 -4.97
N VAL B 550 -24.04 16.87 -4.38
CA VAL B 550 -25.34 16.79 -5.04
C VAL B 550 -26.26 17.91 -4.59
N LEU B 551 -26.41 18.09 -3.28
CA LEU B 551 -27.22 19.18 -2.76
C LEU B 551 -26.49 20.50 -2.90
N SER B 552 -27.24 21.58 -2.86
CA SER B 552 -26.68 22.91 -2.85
C SER B 552 -26.24 23.30 -1.45
N PRO B 553 -25.29 24.23 -1.33
CA PRO B 553 -24.96 24.77 0.00
C PRO B 553 -26.11 25.51 0.67
N GLY B 554 -27.07 26.03 -0.11
CA GLY B 554 -28.27 26.56 0.50
C GLY B 554 -29.29 25.52 0.86
N GLU B 555 -29.08 24.28 0.48
CA GLU B 555 -29.95 23.19 0.89
C GLU B 555 -29.42 22.41 2.07
N GLN B 556 -28.17 22.61 2.46
CA GLN B 556 -27.62 21.90 3.61
C GLN B 556 -27.86 22.62 4.92
N GLN B 557 -28.49 23.80 4.88
CA GLN B 557 -28.83 24.49 6.11
C GLN B 557 -30.28 24.29 6.52
N ARG B 558 -31.19 24.18 5.55
CA ARG B 558 -32.56 23.86 5.89
C ARG B 558 -32.72 22.43 6.37
N VAL B 559 -31.78 21.54 6.04
CA VAL B 559 -31.83 20.19 6.59
C VAL B 559 -31.31 20.19 8.03
N ALA B 560 -30.51 21.18 8.42
CA ALA B 560 -30.02 21.24 9.78
C ALA B 560 -31.13 21.64 10.76
N PHE B 561 -32.08 22.46 10.30
CA PHE B 561 -33.22 22.76 11.14
C PHE B 561 -34.15 21.57 11.30
N ALA B 562 -34.07 20.58 10.42
CA ALA B 562 -34.68 19.30 10.72
C ALA B 562 -33.86 18.50 11.71
N ARG B 563 -32.53 18.68 11.74
CA ARG B 563 -31.73 18.00 12.74
C ARG B 563 -31.97 18.55 14.13
N ILE B 564 -32.34 19.83 14.25
CA ILE B 564 -32.57 20.42 15.56
C ILE B 564 -33.87 19.89 16.17
N LEU B 565 -34.95 19.90 15.40
CA LEU B 565 -36.25 19.50 15.93
C LEU B 565 -36.36 18.01 16.20
N LEU B 566 -35.51 17.20 15.60
CA LEU B 566 -35.54 15.76 15.83
C LEU B 566 -34.70 15.34 17.02
N THR B 567 -34.10 16.28 17.74
CA THR B 567 -33.38 15.96 18.97
C THR B 567 -33.90 16.70 20.20
N LYS B 568 -34.53 17.86 20.01
CA LYS B 568 -35.16 18.71 21.02
C LYS B 568 -34.23 19.09 22.15
N PRO B 569 -33.24 19.94 21.93
CA PRO B 569 -32.36 20.35 23.01
C PRO B 569 -32.93 21.52 23.80
N LYS B 570 -32.14 22.06 24.72
CA LYS B 570 -32.52 23.25 25.49
C LYS B 570 -31.51 24.36 25.44
N ALA B 571 -30.31 24.13 24.91
CA ALA B 571 -29.21 25.07 24.98
C ALA B 571 -28.53 25.20 23.62
N VAL B 572 -29.32 25.43 22.58
CA VAL B 572 -28.81 25.38 21.22
C VAL B 572 -28.00 26.64 20.90
N PHE B 573 -26.75 26.43 20.48
CA PHE B 573 -25.92 27.47 19.89
C PHE B 573 -25.89 27.25 18.38
N LEU B 574 -26.02 28.32 17.61
CA LEU B 574 -25.93 28.16 16.16
C LEU B 574 -25.37 29.41 15.53
N ASP B 575 -24.38 29.27 14.66
CA ASP B 575 -23.75 30.42 14.01
C ASP B 575 -23.86 30.28 12.50
N GLY B 576 -23.88 31.42 11.84
CA GLY B 576 -24.14 31.46 10.42
C GLY B 576 -25.57 31.04 10.15
N SER B 577 -25.72 29.82 9.60
CA SER B 577 -26.96 29.07 9.45
C SER B 577 -27.95 29.68 8.46
N THR B 578 -27.69 30.88 7.94
CA THR B 578 -28.50 31.53 6.92
C THR B 578 -27.62 32.29 5.93
N SER B 579 -26.48 31.70 5.57
CA SER B 579 -25.55 32.36 4.67
C SER B 579 -26.06 32.43 3.24
N ALA B 580 -27.00 31.56 2.87
CA ALA B 580 -27.53 31.54 1.53
C ALA B 580 -29.02 31.81 1.44
N LEU B 581 -29.76 31.74 2.55
CA LEU B 581 -31.20 31.92 2.49
C LEU B 581 -31.56 33.40 2.35
N ASP B 582 -32.57 33.67 1.54
CA ASP B 582 -33.05 35.02 1.37
C ASP B 582 -33.93 35.44 2.53
N THR B 583 -34.16 36.74 2.65
CA THR B 583 -35.09 37.24 3.63
C THR B 583 -36.52 36.93 3.20
N GLY B 584 -37.31 36.40 4.13
CA GLY B 584 -38.68 36.04 3.82
C GLY B 584 -38.99 34.63 4.24
N LEU B 585 -37.96 33.79 4.25
CA LEU B 585 -38.06 32.43 4.73
C LEU B 585 -37.37 32.24 6.08
N GLU B 586 -36.48 33.16 6.44
CA GLU B 586 -35.65 33.01 7.62
C GLU B 586 -36.46 33.20 8.91
N PHE B 587 -37.13 34.35 9.01
CA PHE B 587 -37.93 34.59 10.21
C PHE B 587 -39.18 33.73 10.24
N ALA B 588 -39.61 33.18 9.10
CA ALA B 588 -40.61 32.12 9.13
C ALA B 588 -40.07 30.88 9.82
N LEU B 589 -38.81 30.52 9.58
CA LEU B 589 -38.19 29.40 10.28
C LEU B 589 -38.03 29.69 11.76
N TYR B 590 -37.71 30.94 12.12
CA TYR B 590 -37.52 31.26 13.53
C TYR B 590 -38.85 31.30 14.27
N GLN B 591 -39.90 31.80 13.62
CA GLN B 591 -41.23 31.76 14.21
C GLN B 591 -41.83 30.36 14.20
N LEU B 592 -41.29 29.45 13.37
CA LEU B 592 -41.61 28.04 13.51
C LEU B 592 -40.89 27.42 14.71
N LEU B 593 -39.62 27.79 14.90
CA LEU B 593 -38.83 27.21 16.00
C LEU B 593 -39.34 27.68 17.35
N ARG B 594 -39.77 28.94 17.44
CA ARG B 594 -40.34 29.45 18.68
C ARG B 594 -41.70 28.84 18.99
N SER B 595 -42.46 28.45 17.97
CA SER B 595 -43.80 27.95 18.18
C SER B 595 -43.87 26.44 18.33
N GLU B 596 -42.85 25.71 17.88
CA GLU B 596 -42.77 24.29 18.16
C GLU B 596 -42.00 23.97 19.44
N LEU B 597 -41.00 24.77 19.76
CA LEU B 597 -40.26 24.64 21.02
C LEU B 597 -40.42 25.92 21.82
N PRO B 598 -41.05 25.88 23.00
CA PRO B 598 -41.33 27.13 23.72
C PRO B 598 -40.11 27.77 24.35
N ASP B 599 -39.27 26.99 25.03
CA ASP B 599 -38.16 27.54 25.81
C ASP B 599 -36.84 26.86 25.39
N CYS B 600 -36.13 27.49 24.48
CA CYS B 600 -34.76 27.11 24.16
C CYS B 600 -33.92 28.37 24.03
N ILE B 601 -32.77 28.37 24.68
CA ILE B 601 -31.92 29.56 24.74
C ILE B 601 -31.19 29.67 23.40
N VAL B 602 -31.75 30.46 22.49
CA VAL B 602 -31.17 30.64 21.17
C VAL B 602 -30.02 31.63 21.26
N ILE B 603 -28.84 31.21 20.83
CA ILE B 603 -27.66 32.06 20.80
C ILE B 603 -27.08 31.99 19.39
N SER B 604 -27.04 33.14 18.72
CA SER B 604 -26.70 33.19 17.31
C SER B 604 -25.57 34.17 17.05
N VAL B 605 -24.96 34.00 15.87
CA VAL B 605 -23.97 34.92 15.34
C VAL B 605 -24.41 35.27 13.93
N SER B 606 -24.62 36.56 13.67
CA SER B 606 -25.15 36.98 12.38
C SER B 606 -24.57 38.34 12.01
N HIS B 607 -24.65 38.64 10.72
CA HIS B 607 -24.14 39.87 10.17
C HIS B 607 -25.21 40.79 9.61
N ARG B 608 -26.20 40.24 8.91
CA ARG B 608 -27.25 41.07 8.33
C ARG B 608 -28.15 41.62 9.44
N PRO B 609 -28.51 42.89 9.38
CA PRO B 609 -29.23 43.54 10.48
C PRO B 609 -30.75 43.30 10.46
N ALA B 610 -31.14 42.04 10.35
CA ALA B 610 -32.55 41.67 10.29
C ALA B 610 -32.92 40.63 11.33
N LEU B 611 -32.01 40.30 12.26
CA LEU B 611 -32.31 39.35 13.31
C LEU B 611 -32.43 39.99 14.68
N GLU B 612 -32.12 41.28 14.81
CA GLU B 612 -32.18 41.94 16.11
C GLU B 612 -33.61 42.19 16.56
N ARG B 613 -34.59 42.02 15.68
CA ARG B 613 -35.98 42.05 16.09
C ARG B 613 -36.44 40.77 16.77
N LEU B 614 -35.58 39.76 16.85
CA LEU B 614 -35.93 38.48 17.45
C LEU B 614 -35.14 38.17 18.71
N HIS B 615 -34.30 39.09 19.18
CA HIS B 615 -33.46 38.84 20.34
C HIS B 615 -33.55 40.02 21.31
N GLU B 616 -33.30 39.73 22.58
CA GLU B 616 -33.52 40.69 23.65
C GLU B 616 -32.24 41.26 24.23
N ASN B 617 -31.11 40.60 24.04
CA ASN B 617 -29.83 41.13 24.46
C ASN B 617 -28.89 41.15 23.27
N GLN B 618 -27.78 41.86 23.39
CA GLN B 618 -26.83 41.96 22.30
C GLN B 618 -25.45 42.24 22.84
N LEU B 619 -24.47 41.48 22.38
CA LEU B 619 -23.08 41.63 22.77
C LEU B 619 -22.28 42.05 21.55
N GLU B 620 -21.49 43.10 21.68
CA GLU B 620 -20.70 43.63 20.56
C GLU B 620 -19.23 43.58 20.94
N LEU B 621 -18.42 43.00 20.06
CA LEU B 621 -16.99 42.89 20.24
C LEU B 621 -16.30 43.96 19.40
N LEU B 622 -15.69 44.94 20.04
CA LEU B 622 -14.99 45.98 19.29
C LEU B 622 -13.61 45.54 18.84
N GLY B 623 -13.13 44.39 19.28
CA GLY B 623 -11.84 43.90 18.83
C GLY B 623 -10.69 44.38 19.68
N GLY B 624 -9.91 43.45 20.22
CA GLY B 624 -8.81 43.77 21.08
C GLY B 624 -9.11 43.65 22.56
N GLY B 625 -10.37 43.46 22.94
CA GLY B 625 -10.69 43.26 24.34
C GLY B 625 -11.90 44.03 24.80
N GLN B 626 -12.17 45.17 24.17
CA GLN B 626 -13.29 46.00 24.57
C GLN B 626 -14.58 45.43 24.01
N TRP B 627 -15.48 45.02 24.90
CA TRP B 627 -16.78 44.49 24.53
C TRP B 627 -17.87 45.29 25.23
N ARG B 628 -19.09 45.16 24.72
CA ARG B 628 -20.22 45.89 25.29
C ARG B 628 -21.46 45.01 25.26
N LEU B 629 -22.16 44.93 26.38
CA LEU B 629 -23.38 44.15 26.51
C LEU B 629 -24.55 45.08 26.76
N ALA B 630 -25.56 45.02 25.91
CA ALA B 630 -26.68 45.95 26.03
C ALA B 630 -27.97 45.32 25.55
N PRO B 631 -29.11 45.68 26.16
CA PRO B 631 -30.40 45.30 25.59
C PRO B 631 -30.74 46.21 24.40
N VAL B 632 -31.46 45.66 23.43
CA VAL B 632 -31.84 46.39 22.24
C VAL B 632 -33.25 46.95 22.42
N GLU B 633 -33.53 48.06 21.73
CA GLU B 633 -34.84 48.70 21.73
C GLU B 633 -35.12 49.26 20.35
N ALA B 634 -36.30 48.94 19.82
CA ALA B 634 -36.80 49.36 18.51
C ALA B 634 -35.85 49.04 17.35
#